data_1CFH
#
_entry.id   1CFH
#
_cell.length_a   1.000
_cell.length_b   1.000
_cell.length_c   1.000
_cell.angle_alpha   90.00
_cell.angle_beta   90.00
_cell.angle_gamma   90.00
#
_symmetry.space_group_name_H-M   'P 1'
#
loop_
_entity.id
_entity.type
_entity.pdbx_description
1 polymer 'COAGULATION FACTOR IX'
2 non-polymer 'FORMIC ACID'
#
_entity_poly.entity_id   1
_entity_poly.type   'polypeptide(L)'
_entity_poly.pdbx_seq_one_letter_code
;YNSGKLEEFVQGNLERECMEEKCSFEEAREVFENTERTTEFWKQYVD
;
_entity_poly.pdbx_strand_id   A
#
loop_
_chem_comp.id
_chem_comp.type
_chem_comp.name
_chem_comp.formula
FMT non-polymer 'FORMIC ACID' 'C H2 O2'
#
# COMPACT_ATOMS: atom_id res chain seq x y z
N TYR A 1 -9.90 17.94 -8.56
CA TYR A 1 -9.49 17.55 -9.90
C TYR A 1 -8.51 16.41 -9.86
N ASN A 2 -7.37 16.63 -9.24
CA ASN A 2 -6.37 15.59 -9.01
C ASN A 2 -5.63 15.26 -10.28
N SER A 3 -4.63 16.07 -10.60
CA SER A 3 -3.73 15.77 -11.72
C SER A 3 -2.30 16.03 -11.30
N GLY A 4 -1.91 15.43 -10.18
CA GLY A 4 -0.51 15.41 -9.69
C GLY A 4 0.40 15.04 -10.84
N LYS A 5 0.88 16.06 -11.54
CA LYS A 5 1.50 15.82 -12.85
C LYS A 5 0.36 15.33 -13.70
N LEU A 6 -0.18 16.16 -14.58
CA LEU A 6 -1.54 15.96 -15.09
C LEU A 6 -1.71 14.57 -15.69
N GLU A 7 -2.32 13.70 -14.87
CA GLU A 7 -2.43 12.26 -15.11
C GLU A 7 -3.50 11.97 -16.13
N GLU A 8 -4.51 12.83 -16.21
CA GLU A 8 -5.50 12.81 -17.29
C GLU A 8 -5.05 13.86 -18.29
N PHE A 9 -3.88 13.63 -18.84
CA PHE A 9 -3.10 14.66 -19.52
C PHE A 9 -3.48 15.00 -20.94
N VAL A 10 -2.52 15.58 -21.65
CA VAL A 10 -2.76 16.17 -22.95
C VAL A 10 -3.35 15.06 -23.84
N GLN A 11 -4.52 15.37 -24.34
CA GLN A 11 -5.45 14.41 -24.91
C GLN A 11 -5.13 14.04 -26.34
N GLY A 12 -4.52 12.87 -26.49
CA GLY A 12 -4.25 12.28 -27.80
C GLY A 12 -4.86 10.88 -27.84
N ASN A 13 -4.48 10.07 -26.87
CA ASN A 13 -5.06 8.74 -26.67
C ASN A 13 -5.13 7.91 -27.93
N LEU A 14 -4.11 7.09 -28.12
CA LEU A 14 -4.11 6.12 -29.21
C LEU A 14 -4.68 4.79 -28.77
N GLU A 15 -5.36 4.77 -27.63
CA GLU A 15 -5.84 3.52 -27.01
C GLU A 15 -4.81 2.44 -27.20
N ARG A 16 -3.55 2.83 -27.01
CA ARG A 16 -2.40 2.01 -27.38
C ARG A 16 -1.51 1.59 -26.23
N GLU A 17 -2.10 1.00 -25.21
CA GLU A 17 -1.31 0.36 -24.15
C GLU A 17 -1.14 -1.11 -24.52
N CYS A 18 -0.98 -1.98 -23.55
CA CYS A 18 -0.93 -3.42 -23.80
C CYS A 18 -2.34 -3.96 -23.95
N MET A 19 -2.51 -5.12 -24.55
CA MET A 19 -3.84 -5.72 -24.72
C MET A 19 -4.44 -6.08 -23.38
N GLU A 20 -3.98 -7.18 -22.81
CA GLU A 20 -4.55 -7.71 -21.58
C GLU A 20 -4.43 -6.72 -20.44
N GLU A 21 -3.32 -6.78 -19.71
CA GLU A 21 -3.06 -5.90 -18.57
C GLU A 21 -2.78 -4.47 -18.97
N LYS A 22 -2.73 -4.17 -20.25
CA LYS A 22 -2.34 -2.84 -20.70
C LYS A 22 -1.06 -2.40 -20.01
N CYS A 23 -0.30 -3.37 -19.56
CA CYS A 23 0.82 -3.10 -18.65
C CYS A 23 0.26 -2.23 -17.53
N SER A 24 -0.47 -2.88 -16.65
CA SER A 24 -1.33 -2.18 -15.68
C SER A 24 -0.60 -1.51 -14.53
N PHE A 25 0.69 -1.36 -14.63
CA PHE A 25 1.57 -0.61 -13.71
C PHE A 25 2.20 -1.52 -12.67
N GLU A 26 3.22 -2.26 -13.09
CA GLU A 26 4.07 -3.07 -12.22
C GLU A 26 3.31 -3.84 -11.16
N GLU A 27 2.86 -5.02 -11.52
CA GLU A 27 2.20 -5.91 -10.57
C GLU A 27 1.07 -5.23 -9.83
N ALA A 28 0.51 -4.19 -10.43
CA ALA A 28 -0.67 -3.49 -9.92
C ALA A 28 -1.93 -4.26 -10.19
N ARG A 29 -2.25 -5.24 -9.36
CA ARG A 29 -3.58 -5.86 -9.38
C ARG A 29 -4.58 -4.73 -9.12
N GLU A 30 -4.14 -3.83 -8.25
CA GLU A 30 -4.73 -2.53 -7.97
C GLU A 30 -3.59 -1.55 -7.70
N VAL A 31 -3.74 -0.70 -6.73
CA VAL A 31 -2.67 0.19 -6.23
C VAL A 31 -2.64 -0.03 -4.71
N PHE A 32 -2.27 -1.30 -4.42
CA PHE A 32 -2.34 -1.88 -3.08
C PHE A 32 -1.13 -1.49 -2.25
N GLU A 33 -0.06 -2.27 -2.28
CA GLU A 33 1.08 -2.07 -1.41
C GLU A 33 1.93 -0.91 -1.88
N ASN A 34 1.64 0.27 -1.36
CA ASN A 34 2.27 1.51 -1.81
C ASN A 34 1.46 2.74 -1.42
N THR A 35 0.18 2.58 -1.18
CA THR A 35 -0.71 3.72 -0.97
C THR A 35 -0.36 4.53 0.27
N GLU A 36 0.27 3.92 1.26
CA GLU A 36 0.51 4.62 2.53
C GLU A 36 1.70 5.57 2.49
N ARG A 37 2.26 5.77 1.31
CA ARG A 37 3.34 6.72 1.10
C ARG A 37 2.82 8.13 0.86
N THR A 38 2.10 8.27 -0.24
CA THR A 38 1.71 9.57 -0.76
C THR A 38 0.76 10.28 0.16
N THR A 39 0.05 11.27 -0.35
CA THR A 39 -0.78 12.21 0.39
C THR A 39 -0.02 12.96 1.50
N GLU A 40 0.16 12.25 2.59
CA GLU A 40 0.91 12.70 3.76
C GLU A 40 2.33 13.19 3.50
N PHE A 41 3.17 12.28 3.03
CA PHE A 41 4.61 12.50 2.90
C PHE A 41 4.91 13.82 2.21
N TRP A 42 4.35 13.96 1.02
CA TRP A 42 4.66 15.08 0.14
C TRP A 42 3.98 16.37 0.54
N LYS A 43 3.02 16.29 1.46
CA LYS A 43 2.34 17.47 1.98
C LYS A 43 3.14 18.33 2.94
N GLN A 44 4.45 18.17 2.96
CA GLN A 44 5.34 19.08 3.68
C GLN A 44 6.52 19.52 2.82
N TYR A 45 6.46 19.20 1.54
CA TYR A 45 7.45 19.59 0.55
C TYR A 45 6.78 19.73 -0.81
N VAL A 46 5.49 20.08 -0.80
CA VAL A 46 4.71 20.03 -2.05
C VAL A 46 5.39 20.83 -3.14
N ASP A 47 5.52 20.20 -4.30
CA ASP A 47 6.24 20.77 -5.43
C ASP A 47 5.30 21.32 -6.46
C FMT B . -4.78 10.28 -14.36
O1 FMT B . -5.84 10.75 -14.90
O2 FMT B . -4.36 9.14 -14.72
C FMT C . -7.70 15.50 -16.64
O1 FMT C . -8.89 15.46 -17.10
O2 FMT C . -7.00 16.54 -16.84
C FMT D . -8.94 3.48 -29.52
O1 FMT D . -9.93 3.18 -28.79
O2 FMT D . -9.01 3.35 -30.77
C FMT E . -2.82 2.28 -21.10
O1 FMT E . -2.98 3.52 -20.84
O2 FMT E . -2.65 1.47 -20.14
C FMT F . -3.97 -11.60 -21.22
O1 FMT F . -3.58 -12.62 -21.88
O2 FMT F . -4.03 -11.65 -19.95
C FMT G . -0.76 -8.31 -16.37
O1 FMT G . -0.24 -7.49 -15.56
O2 FMT G . -0.28 -9.48 -16.52
C FMT H . 7.00 -0.53 -12.24
O1 FMT H . 8.25 -0.31 -12.26
O2 FMT H . 6.19 0.45 -12.14
C FMT I . 5.76 -6.69 -9.07
O1 FMT I . 6.96 -6.98 -9.37
O2 FMT I . 5.46 -6.42 -7.87
C FMT J . -5.66 -2.57 -4.26
O1 FMT J . -5.80 -3.15 -3.15
O2 FMT J . -5.81 -1.31 -4.35
C FMT K . 2.07 -5.84 -0.62
O1 FMT K . 3.31 -5.84 -0.36
O2 FMT K . 1.50 -6.91 -1.00
C FMT L . 0.84 1.21 4.58
O1 FMT L . 0.96 1.64 5.77
O2 FMT L . 1.19 0.02 4.31
C FMT M . 0.00 11.35 7.08
O1 FMT M . -0.37 10.13 6.99
O2 FMT M . -0.62 12.13 7.86
N TYR A 1 -0.34 -16.38 13.82
CA TYR A 1 0.14 -17.60 13.19
C TYR A 1 -1.02 -18.49 12.78
N ASN A 2 -2.01 -18.59 13.65
CA ASN A 2 -3.15 -19.47 13.43
C ASN A 2 -2.73 -20.84 12.98
N SER A 3 -2.10 -21.57 13.89
CA SER A 3 -1.74 -22.96 13.67
C SER A 3 -0.84 -23.12 12.47
N GLY A 4 0.17 -22.27 12.37
CA GLY A 4 1.29 -22.48 11.43
C GLY A 4 2.13 -23.60 12.07
N LYS A 5 1.64 -24.80 11.89
CA LYS A 5 2.06 -25.92 12.73
C LYS A 5 1.51 -25.65 14.12
N LEU A 6 1.17 -26.70 14.84
CA LEU A 6 0.83 -26.61 16.25
C LEU A 6 2.12 -26.56 17.06
N GLU A 7 2.95 -25.59 16.71
CA GLU A 7 4.34 -25.47 17.13
C GLU A 7 4.42 -24.88 18.52
N GLU A 8 3.33 -24.28 18.96
CA GLU A 8 3.13 -23.77 20.33
C GLU A 8 1.67 -23.41 20.53
N PHE A 9 0.85 -24.41 20.73
CA PHE A 9 -0.60 -24.29 20.58
C PHE A 9 -1.30 -23.31 21.49
N VAL A 10 -2.60 -23.37 21.46
CA VAL A 10 -3.51 -22.33 21.88
C VAL A 10 -2.99 -21.66 23.16
N GLN A 11 -2.97 -20.35 23.07
CA GLN A 11 -2.32 -19.43 24.00
C GLN A 11 -3.26 -19.04 25.11
N GLY A 12 -4.52 -18.85 24.75
CA GLY A 12 -5.56 -18.34 25.66
C GLY A 12 -6.58 -17.56 24.86
N ASN A 13 -7.08 -18.18 23.81
CA ASN A 13 -7.96 -17.52 22.86
C ASN A 13 -9.42 -17.67 23.21
N LEU A 14 -9.89 -16.83 24.12
CA LEU A 14 -11.31 -16.76 24.48
C LEU A 14 -11.71 -15.33 24.73
N GLU A 15 -10.89 -14.62 25.49
CA GLU A 15 -11.06 -13.20 25.72
C GLU A 15 -9.71 -12.50 25.76
N ARG A 16 -8.77 -13.04 25.03
CA ARG A 16 -7.38 -12.60 25.05
C ARG A 16 -6.69 -12.88 23.75
N GLU A 17 -7.05 -12.12 22.72
CA GLU A 17 -6.36 -12.21 21.42
C GLU A 17 -4.90 -11.74 21.47
N CYS A 18 -4.53 -11.21 22.61
CA CYS A 18 -3.15 -10.82 22.91
C CYS A 18 -2.94 -10.80 24.41
N MET A 19 -1.75 -10.47 24.86
CA MET A 19 -1.49 -10.28 26.29
C MET A 19 -1.84 -8.86 26.68
N GLU A 20 -0.86 -7.99 26.64
CA GLU A 20 -1.03 -6.60 27.05
C GLU A 20 -2.07 -5.92 26.18
N GLU A 21 -2.37 -4.67 26.49
CA GLU A 21 -3.31 -3.84 25.73
C GLU A 21 -2.75 -3.35 24.40
N LYS A 22 -1.66 -3.90 23.93
CA LYS A 22 -0.98 -3.39 22.75
C LYS A 22 -1.72 -3.77 21.49
N CYS A 23 -2.04 -5.05 21.38
CA CYS A 23 -2.68 -5.57 20.18
C CYS A 23 -4.10 -5.06 20.06
N SER A 24 -4.97 -5.54 20.93
CA SER A 24 -6.40 -5.25 20.83
C SER A 24 -6.86 -5.44 19.41
N PHE A 25 -6.24 -6.40 18.74
CA PHE A 25 -6.40 -6.62 17.31
C PHE A 25 -7.60 -7.49 16.97
N GLU A 26 -7.97 -7.46 15.70
CA GLU A 26 -9.00 -8.34 15.15
C GLU A 26 -8.53 -8.93 13.84
N GLU A 27 -8.06 -8.07 12.96
CA GLU A 27 -7.40 -8.48 11.72
C GLU A 27 -6.32 -7.52 11.27
N ALA A 28 -5.92 -6.62 12.14
CA ALA A 28 -4.92 -5.60 11.84
C ALA A 28 -3.54 -6.20 11.81
N ARG A 29 -3.02 -6.44 10.61
CA ARG A 29 -1.66 -6.89 10.41
C ARG A 29 -0.66 -5.75 10.39
N GLU A 30 -0.92 -4.69 11.13
CA GLU A 30 -0.12 -3.47 11.04
C GLU A 30 0.05 -3.08 9.59
N VAL A 31 -1.00 -3.34 8.81
CA VAL A 31 -0.98 -3.17 7.37
C VAL A 31 -2.22 -2.48 6.87
N PHE A 32 -2.90 -1.78 7.77
CA PHE A 32 -4.20 -1.19 7.48
C PHE A 32 -4.21 0.31 7.66
N GLU A 33 -3.06 0.90 7.93
CA GLU A 33 -2.92 2.36 8.00
C GLU A 33 -1.59 2.84 7.46
N ASN A 34 -0.83 1.97 6.82
CA ASN A 34 0.51 2.30 6.35
C ASN A 34 0.66 2.16 4.85
N THR A 35 -0.26 1.46 4.21
CA THR A 35 -0.28 1.37 2.76
C THR A 35 -0.75 2.66 2.14
N GLU A 36 -1.58 3.39 2.87
CA GLU A 36 -2.04 4.73 2.49
C GLU A 36 -1.06 5.82 2.86
N ARG A 37 0.21 5.48 2.98
CA ARG A 37 1.22 6.42 3.45
C ARG A 37 1.34 7.62 2.51
N THR A 38 1.36 7.32 1.23
CA THR A 38 1.60 8.35 0.22
C THR A 38 0.58 9.46 0.33
N THR A 39 0.69 10.43 -0.56
CA THR A 39 -0.01 11.70 -0.52
C THR A 39 0.67 12.71 0.42
N GLU A 40 0.71 12.32 1.67
CA GLU A 40 1.15 13.17 2.76
C GLU A 40 2.65 13.34 2.83
N PHE A 41 3.36 12.26 2.55
CA PHE A 41 4.81 12.25 2.72
C PHE A 41 5.45 13.39 1.95
N TRP A 42 5.05 13.52 0.70
CA TRP A 42 5.56 14.55 -0.20
C TRP A 42 4.86 15.87 0.01
N LYS A 43 3.76 15.83 0.75
CA LYS A 43 3.04 17.05 1.17
C LYS A 43 3.74 17.88 2.23
N GLN A 44 5.03 17.69 2.39
CA GLN A 44 5.85 18.53 3.25
C GLN A 44 6.76 19.42 2.43
N TYR A 45 6.44 19.56 1.15
CA TYR A 45 7.30 20.29 0.21
C TYR A 45 6.55 21.30 -0.62
N VAL A 46 5.31 21.01 -0.97
CA VAL A 46 4.53 21.90 -1.84
C VAL A 46 4.38 23.27 -1.19
N ASP A 47 5.21 24.20 -1.62
CA ASP A 47 5.26 25.53 -1.03
C ASP A 47 4.73 26.57 -1.98
C FMT B . 6.66 -23.05 17.35
O1 FMT B . 7.34 -24.10 17.61
O2 FMT B . 6.98 -21.95 17.89
C FMT C . 3.06 -20.96 18.83
O1 FMT C . 2.53 -21.40 17.77
O2 FMT C . 2.52 -19.98 19.44
C FMT D . -11.09 -12.89 29.51
O1 FMT D . -10.01 -12.97 30.17
O2 FMT D . -11.99 -12.08 29.87
C FMT E . -9.33 -10.17 20.96
O1 FMT E . -10.35 -10.16 21.70
O2 FMT E . -8.81 -9.07 20.59
C FMT F . 0.64 -6.26 29.48
O1 FMT F . 0.05 -7.33 29.86
O2 FMT F . 0.64 -5.24 30.23
C FMT G . -2.81 -0.19 26.42
O1 FMT G . -3.79 0.45 26.91
O2 FMT G . -2.08 0.34 25.52
C FMT H . -11.73 -5.56 15.74
O1 FMT H . -12.40 -4.92 16.62
O2 FMT H . -11.85 -5.26 14.51
C FMT I . -10.98 -8.87 10.11
O1 FMT I . -12.16 -9.29 10.35
O2 FMT I . -10.75 -8.10 9.12
C FMT J . 2.47 -3.38 13.97
O1 FMT J . 3.22 -2.67 14.71
O2 FMT J . 2.49 -4.65 14.09
C FMT K . -1.10 4.01 10.52
O1 FMT K . 0.10 4.12 10.09
O2 FMT K . -1.67 5.01 11.07
C FMT L . -5.80 4.24 3.70
O1 FMT L . -6.84 3.80 3.12
O2 FMT L . -5.90 5.05 4.68
C FMT M . 1.63 14.30 5.64
O1 FMT M . 0.65 15.09 5.42
O2 FMT M . 2.72 14.78 6.09
N TYR A 1 15.25 -8.97 20.71
CA TYR A 1 15.47 -9.10 22.15
C TYR A 1 16.93 -8.93 22.49
N ASN A 2 17.74 -9.92 22.12
CA ASN A 2 19.16 -9.91 22.48
C ASN A 2 19.87 -11.12 21.91
N SER A 3 19.19 -12.26 21.91
CA SER A 3 19.81 -13.52 21.51
C SER A 3 20.94 -13.87 22.45
N GLY A 4 21.38 -15.11 22.39
CA GLY A 4 22.55 -15.56 23.14
C GLY A 4 23.57 -16.16 22.19
N LYS A 5 23.23 -17.30 21.63
CA LYS A 5 24.04 -17.92 20.58
C LYS A 5 23.72 -17.29 19.24
N LEU A 6 22.44 -17.08 19.00
CA LEU A 6 21.95 -16.38 17.81
C LEU A 6 22.02 -14.88 17.94
N GLU A 7 23.06 -14.33 18.54
CA GLU A 7 23.28 -12.88 18.55
C GLU A 7 23.41 -12.38 17.13
N GLU A 8 22.39 -11.68 16.67
CA GLU A 8 22.31 -11.33 15.24
C GLU A 8 22.52 -12.59 14.43
N PHE A 9 21.46 -13.38 14.31
CA PHE A 9 21.53 -14.73 13.77
C PHE A 9 21.83 -14.77 12.28
N VAL A 10 21.43 -15.85 11.65
CA VAL A 10 21.90 -16.17 10.32
C VAL A 10 21.62 -14.95 9.43
N GLN A 11 22.68 -14.59 8.74
CA GLN A 11 22.85 -13.30 8.08
C GLN A 11 22.24 -13.23 6.70
N GLY A 12 22.97 -13.68 5.70
CA GLY A 12 22.56 -13.53 4.31
C GLY A 12 22.76 -12.10 3.85
N ASN A 13 21.68 -11.40 3.63
CA ASN A 13 21.72 -9.98 3.30
C ASN A 13 20.35 -9.37 3.31
N LEU A 14 19.81 -9.18 4.50
CA LEU A 14 18.44 -8.70 4.66
C LEU A 14 18.29 -7.80 5.86
N GLU A 15 18.81 -8.22 6.99
CA GLU A 15 18.64 -7.53 8.25
C GLU A 15 19.81 -6.61 8.54
N ARG A 16 20.27 -5.92 7.51
CA ARG A 16 21.31 -4.91 7.64
C ARG A 16 20.79 -3.57 7.14
N GLU A 17 19.69 -3.13 7.72
CA GLU A 17 19.08 -1.85 7.39
C GLU A 17 20.07 -0.71 7.51
N CYS A 18 19.60 0.50 7.21
CA CYS A 18 20.50 1.66 7.11
C CYS A 18 20.48 2.53 8.35
N MET A 19 19.56 3.46 8.52
CA MET A 19 19.63 4.43 9.61
C MET A 19 18.35 5.22 9.79
N GLU A 20 18.11 6.17 8.91
CA GLU A 20 16.98 7.09 9.03
C GLU A 20 15.68 6.34 9.10
N GLU A 21 15.23 5.83 7.96
CA GLU A 21 14.08 4.93 7.87
C GLU A 21 14.37 3.54 8.38
N LYS A 22 15.51 3.32 9.01
CA LYS A 22 15.93 1.97 9.39
C LYS A 22 15.74 1.05 8.20
N CYS A 23 15.94 1.63 7.02
CA CYS A 23 15.60 0.99 5.75
C CYS A 23 14.18 0.47 5.84
N SER A 24 13.24 1.36 5.54
CA SER A 24 11.82 1.12 5.80
C SER A 24 11.14 0.19 4.84
N PHE A 25 11.88 -0.54 4.03
CA PHE A 25 11.30 -1.38 2.98
C PHE A 25 11.97 -2.73 2.86
N GLU A 26 11.27 -3.66 2.25
CA GLU A 26 11.80 -4.99 1.93
C GLU A 26 10.70 -5.86 1.36
N GLU A 27 9.76 -6.22 2.21
CA GLU A 27 8.52 -6.88 1.81
C GLU A 27 7.34 -6.30 2.56
N ALA A 28 7.56 -5.19 3.24
CA ALA A 28 6.56 -4.57 4.12
C ALA A 28 5.45 -3.89 3.33
N ARG A 29 5.78 -2.70 2.88
CA ARG A 29 4.84 -1.79 2.24
C ARG A 29 4.27 -2.32 0.94
N GLU A 30 4.87 -3.34 0.36
CA GLU A 30 4.38 -3.89 -0.90
C GLU A 30 3.28 -4.91 -0.73
N VAL A 31 2.72 -4.97 0.45
CA VAL A 31 1.56 -5.81 0.73
C VAL A 31 0.66 -5.22 1.80
N PHE A 32 0.78 -3.94 2.03
CA PHE A 32 -0.05 -3.23 3.01
C PHE A 32 -1.09 -2.39 2.30
N GLU A 33 -1.71 -2.98 1.29
CA GLU A 33 -2.63 -2.27 0.42
C GLU A 33 -2.03 -1.03 -0.18
N ASN A 34 -0.72 -0.88 -0.07
CA ASN A 34 0.01 0.33 -0.48
C ASN A 34 -0.81 1.59 -0.31
N THR A 35 -1.58 1.62 0.78
CA THR A 35 -2.51 2.72 1.02
C THR A 35 -1.84 3.91 1.67
N GLU A 36 -1.21 3.68 2.79
CA GLU A 36 -0.67 4.76 3.63
C GLU A 36 0.67 5.31 3.20
N ARG A 37 1.02 5.20 1.93
CA ARG A 37 2.25 5.81 1.43
C ARG A 37 2.04 7.28 1.15
N THR A 38 1.75 7.60 -0.10
CA THR A 38 1.79 8.99 -0.54
C THR A 38 0.57 9.75 -0.08
N THR A 39 0.73 11.04 0.11
CA THR A 39 -0.26 12.09 0.35
C THR A 39 0.10 12.82 1.65
N GLU A 40 0.68 12.05 2.54
CA GLU A 40 1.26 12.53 3.79
C GLU A 40 2.60 13.19 3.59
N PHE A 41 3.54 12.36 3.12
CA PHE A 41 4.96 12.70 3.01
C PHE A 41 5.20 14.03 2.29
N TRP A 42 4.87 14.00 1.01
CA TRP A 42 5.23 15.04 0.05
C TRP A 42 4.44 16.30 0.29
N LYS A 43 3.40 16.20 1.13
CA LYS A 43 2.62 17.32 1.63
C LYS A 43 3.29 18.16 2.70
N GLN A 44 4.60 18.07 2.79
CA GLN A 44 5.40 18.97 3.63
C GLN A 44 6.48 19.63 2.81
N TYR A 45 6.38 19.54 1.50
CA TYR A 45 7.43 19.99 0.60
C TYR A 45 6.92 20.50 -0.73
N VAL A 46 5.60 20.61 -0.93
CA VAL A 46 5.06 20.93 -2.26
C VAL A 46 5.29 22.37 -2.67
N ASP A 47 6.14 23.09 -1.96
CA ASP A 47 6.54 24.44 -2.33
C ASP A 47 7.91 24.76 -1.81
C FMT B . 26.80 -12.29 18.20
O1 FMT B . 27.46 -12.68 17.19
O2 FMT B . 26.92 -11.09 18.61
C FMT C . 24.99 -8.65 16.08
O1 FMT C . 25.71 -8.59 15.03
O2 FMT C . 25.49 -8.32 17.21
C FMT D . 19.82 -9.34 11.43
O1 FMT D . 19.07 -10.14 12.07
O2 FMT D . 20.63 -8.59 12.05
C FMT E . 17.82 -0.97 10.80
O1 FMT E . 18.53 0.07 10.68
O2 FMT E . 16.98 -1.08 11.74
C FMT F . 18.25 9.90 6.51
O1 FMT F . 17.99 9.30 5.43
O2 FMT F . 18.58 11.12 6.51
C FMT G . 12.69 5.96 4.29
O1 FMT G . 11.41 6.03 4.23
O2 FMT G . 13.36 5.71 3.23
C FMT H . 11.14 -6.40 5.26
O1 FMT H . 10.04 -6.22 5.89
O2 FMT H . 11.64 -7.57 5.22
C FMT I . 9.96 -10.42 2.86
O1 FMT I . 8.97 -11.14 2.58
O2 FMT I . 10.89 -10.87 3.61
C FMT J . 7.42 -3.90 -3.35
O1 FMT J . 8.60 -4.38 -3.36
O2 FMT J . 6.79 -3.74 -4.44
C FMT K . -5.13 -2.49 3.40
O1 FMT K . -4.45 -1.77 4.18
O2 FMT K . -6.36 -2.73 3.66
C FMT L . 1.27 2.68 4.20
O1 FMT L . 2.38 3.27 4.36
O2 FMT L . 1.09 1.93 3.19
C FMT M . 0.06 11.12 6.85
O1 FMT M . -0.74 11.98 7.32
O2 FMT M . -0.23 9.88 6.87
N TYR A 1 17.57 -38.79 23.36
CA TYR A 1 17.63 -37.43 22.81
C TYR A 1 16.32 -36.69 22.95
N ASN A 2 15.25 -37.37 23.31
CA ASN A 2 13.90 -36.80 23.35
C ASN A 2 13.86 -35.43 23.97
N SER A 3 13.86 -34.41 23.12
CA SER A 3 13.68 -33.03 23.56
C SER A 3 12.21 -32.67 23.61
N GLY A 4 11.85 -31.83 24.56
CA GLY A 4 10.48 -31.32 24.65
C GLY A 4 10.43 -29.84 24.35
N LYS A 5 10.31 -29.05 25.39
CA LYS A 5 10.30 -27.59 25.25
C LYS A 5 11.52 -27.12 24.50
N LEU A 6 12.65 -27.73 24.77
CA LEU A 6 13.88 -27.50 24.00
C LEU A 6 13.89 -28.34 22.74
N GLU A 7 12.94 -28.10 21.83
CA GLU A 7 12.74 -28.99 20.67
C GLU A 7 13.79 -28.72 19.62
N GLU A 8 13.83 -27.53 19.04
CA GLU A 8 14.98 -27.12 18.20
C GLU A 8 16.02 -26.63 19.18
N PHE A 9 15.82 -25.46 19.70
CA PHE A 9 16.45 -25.02 20.94
C PHE A 9 16.10 -23.61 21.33
N VAL A 10 15.89 -23.43 22.63
CA VAL A 10 15.67 -22.14 23.29
C VAL A 10 16.36 -20.99 22.61
N GLN A 11 17.57 -21.22 22.14
CA GLN A 11 18.37 -20.15 21.56
C GLN A 11 17.76 -19.66 20.27
N GLY A 12 16.97 -18.60 20.36
CA GLY A 12 16.35 -18.01 19.19
C GLY A 12 15.02 -17.36 19.51
N ASN A 13 15.06 -16.08 19.83
CA ASN A 13 13.85 -15.29 20.05
C ASN A 13 14.15 -13.81 20.00
N LEU A 14 14.37 -13.30 18.81
CA LEU A 14 14.79 -11.92 18.63
C LEU A 14 13.70 -11.05 18.03
N GLU A 15 13.69 -10.90 16.72
CA GLU A 15 12.77 -9.99 16.05
C GLU A 15 12.03 -10.74 14.94
N ARG A 16 11.47 -11.87 15.31
CA ARG A 16 10.83 -12.80 14.38
C ARG A 16 9.49 -13.22 14.94
N GLU A 17 8.57 -12.27 14.99
CA GLU A 17 7.19 -12.47 15.42
C GLU A 17 6.57 -13.79 15.02
N CYS A 18 5.41 -14.07 15.62
CA CYS A 18 4.75 -15.36 15.49
C CYS A 18 3.97 -15.46 14.20
N MET A 19 3.99 -16.65 13.61
CA MET A 19 3.30 -16.92 12.35
C MET A 19 1.82 -16.64 12.47
N GLU A 20 1.13 -17.56 13.11
CA GLU A 20 -0.33 -17.49 13.25
C GLU A 20 -0.71 -16.23 14.00
N GLU A 21 -1.97 -16.16 14.41
CA GLU A 21 -2.47 -15.05 15.21
C GLU A 21 -1.97 -15.03 16.64
N LYS A 22 -0.93 -15.77 16.96
CA LYS A 22 -0.31 -15.69 18.28
C LYS A 22 0.38 -14.37 18.49
N CYS A 23 0.82 -13.76 17.41
CA CYS A 23 1.40 -12.43 17.46
C CYS A 23 0.70 -11.49 16.48
N SER A 24 1.02 -11.63 15.21
CA SER A 24 0.33 -10.88 14.16
C SER A 24 -1.15 -11.15 14.19
N PHE A 25 -1.88 -10.55 13.26
CA PHE A 25 -3.31 -10.84 13.11
C PHE A 25 -3.98 -10.06 12.01
N GLU A 26 -5.15 -10.51 11.61
CA GLU A 26 -5.86 -10.01 10.45
C GLU A 26 -5.18 -10.48 9.18
N GLU A 27 -4.64 -11.69 9.24
CA GLU A 27 -3.80 -12.22 8.18
C GLU A 27 -2.81 -11.18 7.72
N ALA A 28 -2.42 -10.32 8.65
CA ALA A 28 -1.61 -9.14 8.36
C ALA A 28 -0.16 -9.43 8.04
N ARG A 29 0.11 -9.58 6.76
CA ARG A 29 1.44 -9.50 6.21
C ARG A 29 1.77 -8.00 6.18
N GLU A 30 2.82 -7.61 6.87
CA GLU A 30 3.32 -6.23 6.76
C GLU A 30 3.57 -5.92 5.31
N VAL A 31 2.49 -5.69 4.59
CA VAL A 31 2.47 -5.72 3.13
C VAL A 31 1.43 -4.82 2.52
N PHE A 32 0.82 -3.99 3.34
CA PHE A 32 -0.42 -3.30 2.93
C PHE A 32 -0.52 -1.90 3.46
N GLU A 33 0.61 -1.25 3.66
CA GLU A 33 0.65 0.15 4.07
C GLU A 33 1.82 0.87 3.44
N ASN A 34 2.08 0.58 2.18
CA ASN A 34 3.19 1.21 1.46
C ASN A 34 2.79 1.82 0.13
N THR A 35 1.80 1.27 -0.52
CA THR A 35 1.41 1.71 -1.86
C THR A 35 0.62 3.00 -1.79
N GLU A 36 -0.15 3.16 -0.72
CA GLU A 36 -0.88 4.39 -0.43
C GLU A 36 -0.04 5.42 0.28
N ARG A 37 1.25 5.40 0.05
CA ARG A 37 2.19 6.26 0.77
C ARG A 37 1.91 7.73 0.54
N THR A 38 1.78 8.12 -0.71
CA THR A 38 1.72 9.54 -1.05
C THR A 38 0.55 10.23 -0.37
N THR A 39 0.83 11.37 0.21
CA THR A 39 -0.08 12.34 0.82
C THR A 39 0.66 13.06 1.96
N GLU A 40 1.28 12.20 2.76
CA GLU A 40 1.96 12.59 4.00
C GLU A 40 3.31 13.20 3.75
N PHE A 41 4.16 12.45 3.05
CA PHE A 41 5.55 12.81 2.82
C PHE A 41 5.66 14.25 2.34
N TRP A 42 4.93 14.53 1.28
CA TRP A 42 4.91 15.85 0.64
C TRP A 42 3.94 16.80 1.31
N LYS A 43 3.09 16.27 2.18
CA LYS A 43 2.25 17.18 2.99
C LYS A 43 3.12 18.17 3.76
N GLN A 44 4.41 17.91 3.72
CA GLN A 44 5.45 18.92 3.93
C GLN A 44 5.20 19.84 2.70
N TYR A 45 5.94 19.78 1.63
CA TYR A 45 5.55 20.43 0.37
C TYR A 45 6.11 19.78 -0.87
N VAL A 46 5.29 19.71 -1.94
CA VAL A 46 5.81 19.34 -3.26
C VAL A 46 6.60 20.46 -3.93
N ASP A 47 6.85 21.54 -3.23
CA ASP A 47 7.47 22.73 -3.82
C ASP A 47 8.35 23.45 -2.82
C FMT B . 10.69 -26.60 19.05
O1 FMT B . 10.51 -25.36 19.20
O2 FMT B . 11.08 -27.05 17.92
C FMT C . 14.02 -23.57 17.48
O1 FMT C . 15.26 -23.33 17.50
O2 FMT C . 13.20 -22.60 17.50
C FMT D . 14.79 -8.17 13.33
O1 FMT D . 14.20 -7.05 13.36
O2 FMT D . 15.42 -8.52 12.28
C FMT E . 5.88 -8.79 14.68
O1 FMT E . 4.67 -8.92 15.08
O2 FMT E . 6.21 -7.77 14.00
C FMT F . -0.79 -21.32 13.87
O1 FMT F . -1.08 -22.45 13.34
O2 FMT F . -0.31 -21.29 15.04
C FMT G . -5.40 -16.79 13.87
O1 FMT G . -6.17 -17.13 14.82
O2 FMT G . -5.17 -17.61 12.93
C FMT H . -5.79 -6.67 12.29
O1 FMT H . -6.30 -5.52 12.42
O2 FMT H . -4.58 -6.85 12.62
C FMT I . -7.04 -12.55 5.99
O1 FMT I . -6.96 -13.34 5.01
O2 FMT I . -7.81 -11.54 5.93
C FMT J . 5.68 -5.81 9.93
O1 FMT J . 5.66 -6.03 11.18
O2 FMT J . 6.79 -5.64 9.33
C FMT K . 0.32 -1.09 7.78
O1 FMT K . 1.12 -0.31 8.37
O2 FMT K . -0.01 -2.19 8.31
C FMT L . -4.17 2.58 0.90
O1 FMT L . -4.69 3.40 1.73
O2 FMT L . -4.47 1.35 0.96
C FMT M . 3.18 12.55 6.84
O1 FMT M . 2.06 13.15 6.96
O2 FMT M . 4.20 12.95 7.47
N TYR A 1 25.07 -22.88 -28.34
CA TYR A 1 23.79 -23.60 -28.28
C TYR A 1 23.63 -24.33 -26.97
N ASN A 2 24.23 -23.82 -25.91
CA ASN A 2 24.03 -24.38 -24.57
C ASN A 2 22.57 -24.66 -24.32
N SER A 3 21.70 -23.93 -25.00
CA SER A 3 20.27 -24.19 -24.98
C SER A 3 19.59 -23.56 -26.17
N GLY A 4 18.98 -22.40 -25.98
CA GLY A 4 18.17 -21.76 -27.01
C GLY A 4 16.93 -22.59 -27.27
N LYS A 5 15.80 -21.92 -27.43
CA LYS A 5 14.49 -22.53 -27.62
C LYS A 5 13.90 -22.95 -26.29
N LEU A 6 14.70 -23.05 -25.25
CA LEU A 6 14.22 -23.22 -23.88
C LEU A 6 13.86 -21.88 -23.30
N GLU A 7 13.04 -21.12 -24.01
CA GLU A 7 12.87 -19.69 -23.77
C GLU A 7 12.20 -19.31 -22.46
N GLU A 8 11.36 -20.13 -21.86
CA GLU A 8 10.91 -19.86 -20.47
C GLU A 8 12.18 -19.82 -19.65
N PHE A 9 12.89 -20.94 -19.67
CA PHE A 9 14.31 -21.12 -19.41
C PHE A 9 14.84 -21.45 -18.04
N VAL A 10 15.92 -22.22 -18.04
CA VAL A 10 16.88 -22.51 -16.97
C VAL A 10 16.97 -21.38 -15.98
N GLN A 11 17.30 -20.21 -16.47
CA GLN A 11 17.57 -19.04 -15.63
C GLN A 11 16.32 -18.58 -14.90
N GLY A 12 16.49 -18.23 -13.64
CA GLY A 12 15.37 -17.83 -12.79
C GLY A 12 15.01 -18.93 -11.83
N ASN A 13 14.93 -18.60 -10.56
CA ASN A 13 14.70 -19.60 -9.51
C ASN A 13 14.92 -19.04 -8.12
N LEU A 14 15.75 -18.02 -8.01
CA LEU A 14 16.11 -17.49 -6.70
C LEU A 14 16.24 -15.99 -6.72
N GLU A 15 15.41 -15.34 -7.53
CA GLU A 15 15.31 -13.89 -7.55
C GLU A 15 14.06 -13.39 -6.85
N ARG A 16 13.43 -14.26 -6.07
CA ARG A 16 12.15 -13.96 -5.44
C ARG A 16 12.27 -13.97 -3.93
N GLU A 17 13.47 -13.75 -3.43
CA GLU A 17 13.75 -13.87 -1.99
C GLU A 17 13.15 -15.13 -1.40
N CYS A 18 13.82 -16.24 -1.60
CA CYS A 18 13.42 -17.50 -0.98
C CYS A 18 14.61 -18.39 -0.74
N MET A 19 15.17 -18.32 0.45
CA MET A 19 16.28 -19.19 0.85
C MET A 19 16.60 -19.02 2.32
N GLU A 20 17.00 -17.82 2.69
CA GLU A 20 17.43 -17.51 4.06
C GLU A 20 16.36 -17.91 5.06
N GLU A 21 15.26 -17.17 5.08
CA GLU A 21 14.16 -17.40 6.00
C GLU A 21 13.35 -18.64 5.70
N LYS A 22 13.74 -19.44 4.74
CA LYS A 22 12.98 -20.58 4.20
C LYS A 22 12.15 -20.11 3.03
N CYS A 23 11.67 -18.88 3.14
CA CYS A 23 11.00 -18.17 2.05
C CYS A 23 10.57 -16.79 2.52
N SER A 24 11.53 -15.96 2.82
CA SER A 24 11.31 -14.65 3.43
C SER A 24 10.12 -13.95 2.82
N PHE A 25 9.04 -13.88 3.57
CA PHE A 25 7.77 -13.37 3.06
C PHE A 25 7.17 -12.34 3.99
N GLU A 26 6.85 -12.74 5.21
CA GLU A 26 6.07 -11.99 6.18
C GLU A 26 5.08 -11.03 5.55
N GLU A 27 4.01 -11.58 5.00
CA GLU A 27 2.88 -10.84 4.43
C GLU A 27 3.28 -9.58 3.67
N ALA A 28 4.44 -9.62 3.06
CA ALA A 28 5.02 -8.45 2.38
C ALA A 28 4.39 -8.21 1.04
N ARG A 29 3.31 -7.44 1.04
CA ARG A 29 2.67 -6.98 -0.20
C ARG A 29 3.40 -5.78 -0.74
N GLU A 30 2.66 -4.86 -1.32
CA GLU A 30 3.17 -3.54 -1.67
C GLU A 30 2.82 -2.54 -0.57
N VAL A 31 2.77 -3.06 0.64
CA VAL A 31 2.33 -2.32 1.82
C VAL A 31 3.39 -2.32 2.89
N PHE A 32 4.63 -2.54 2.48
CA PHE A 32 5.74 -2.71 3.41
C PHE A 32 6.97 -1.94 3.01
N GLU A 33 6.86 -1.07 2.03
CA GLU A 33 7.94 -0.19 1.62
C GLU A 33 7.41 1.13 1.13
N ASN A 34 6.37 1.06 0.31
CA ASN A 34 5.65 2.24 -0.16
C ASN A 34 4.22 2.20 0.32
N THR A 35 4.05 2.06 1.62
CA THR A 35 2.75 2.12 2.28
C THR A 35 2.32 3.55 2.55
N GLU A 36 3.08 4.23 3.40
CA GLU A 36 2.78 5.58 3.86
C GLU A 36 3.29 6.65 2.91
N ARG A 37 3.38 6.34 1.63
CA ARG A 37 3.97 7.26 0.65
C ARG A 37 3.19 8.54 0.53
N THR A 38 2.37 8.66 -0.50
CA THR A 38 1.77 9.93 -0.87
C THR A 38 0.76 10.39 0.16
N THR A 39 -0.05 11.36 -0.21
CA THR A 39 -0.96 12.09 0.69
C THR A 39 -0.27 12.81 1.84
N GLU A 40 0.10 12.03 2.82
CA GLU A 40 0.89 12.46 3.97
C GLU A 40 2.18 13.19 3.57
N PHE A 41 3.13 12.36 3.11
CA PHE A 41 4.50 12.78 2.88
C PHE A 41 4.61 14.08 2.11
N TRP A 42 4.11 14.05 0.88
CA TRP A 42 4.29 15.17 -0.05
C TRP A 42 3.65 16.43 0.46
N LYS A 43 2.75 16.31 1.42
CA LYS A 43 2.12 17.45 2.09
C LYS A 43 3.01 18.17 3.09
N GLN A 44 4.32 18.04 2.95
CA GLN A 44 5.29 18.83 3.70
C GLN A 44 6.53 19.14 2.88
N TYR A 45 6.45 18.88 1.58
CA TYR A 45 7.57 19.00 0.65
C TYR A 45 7.08 19.37 -0.72
N VAL A 46 5.89 19.96 -0.81
CA VAL A 46 5.24 20.17 -2.12
C VAL A 46 5.90 21.24 -2.97
N ASP A 47 7.05 21.73 -2.57
CA ASP A 47 7.82 22.69 -3.38
C ASP A 47 9.12 22.04 -3.84
C FMT B . 10.17 -17.96 -23.82
O1 FMT B . 9.31 -18.39 -23.00
O2 FMT B . 10.66 -16.80 -23.66
C FMT C . 7.96 -22.48 -20.58
O1 FMT C . 7.32 -22.63 -19.51
O2 FMT C . 8.05 -23.44 -21.41
C FMT D . 13.37 -12.56 -10.51
O1 FMT D . 12.20 -12.20 -10.16
O2 FMT D . 14.00 -11.89 -11.38
C FMT E . 12.04 -10.86 -2.73
O1 FMT E . 10.94 -11.37 -2.35
O2 FMT E . 12.07 -10.05 -3.70
C FMT F . 20.16 -15.94 5.03
O1 FMT F . 20.60 -17.12 5.11
O2 FMT F . 20.49 -15.05 5.88
C FMT G . 12.76 -13.85 6.98
O1 FMT G . 13.04 -12.61 7.09
O2 FMT G . 11.61 -14.27 7.27
C FMT H . 8.29 -11.08 9.36
O1 FMT H . 9.38 -11.51 9.83
O2 FMT H . 7.88 -9.91 9.65
C FMT I . 0.43 -11.36 7.47
O1 FMT I . -0.55 -12.03 7.94
O2 FMT I . 0.98 -10.47 8.20
C FMT J . 0.42 -1.75 -2.85
O1 FMT J . 1.05 -0.68 -3.13
O2 FMT J . -0.73 -1.68 -2.31
C FMT K . 8.83 -3.00 -0.92
O1 FMT K . 8.04 -2.53 -1.81
O2 FMT K . 9.63 -3.94 -1.23
C FMT L . 5.43 7.26 5.89
O1 FMT L . 4.82 7.73 6.90
O2 FMT L . 6.42 7.89 5.39
C FMT M . 1.58 11.87 7.26
O1 FMT M . 2.72 11.55 7.68
O2 FMT M . 1.03 12.95 7.66
N TYR A 1 29.11 2.61 29.54
CA TYR A 1 29.20 2.82 30.99
C TYR A 1 28.12 3.75 31.45
N ASN A 2 28.35 4.51 32.50
CA ASN A 2 27.32 5.35 33.12
C ASN A 2 27.13 6.69 32.43
N SER A 3 28.01 7.06 31.53
CA SER A 3 27.98 8.39 30.91
C SER A 3 27.93 9.46 31.97
N GLY A 4 27.78 10.70 31.55
CA GLY A 4 27.84 11.87 32.45
C GLY A 4 28.62 12.97 31.75
N LYS A 5 27.95 14.07 31.48
CA LYS A 5 28.43 15.15 30.61
C LYS A 5 28.09 14.81 29.17
N LEU A 6 28.41 13.60 28.77
CA LEU A 6 28.00 13.02 27.51
C LEU A 6 26.63 12.41 27.60
N GLU A 7 25.78 12.91 28.47
CA GLU A 7 24.47 12.31 28.73
C GLU A 7 23.65 12.31 27.45
N GLU A 8 23.18 11.14 27.06
CA GLU A 8 22.60 10.98 25.72
C GLU A 8 23.57 11.60 24.73
N PHE A 9 24.61 10.85 24.42
CA PHE A 9 25.80 11.37 23.76
C PHE A 9 25.59 11.85 22.34
N VAL A 10 26.61 11.73 21.50
CA VAL A 10 26.69 12.36 20.18
C VAL A 10 25.45 12.14 19.34
N GLN A 11 24.69 11.11 19.65
CA GLN A 11 23.41 10.88 18.99
C GLN A 11 22.48 12.06 19.20
N GLY A 12 21.73 12.06 20.28
CA GLY A 12 20.90 13.20 20.64
C GLY A 12 19.44 12.97 20.31
N ASN A 13 18.63 13.97 20.56
CA ASN A 13 17.18 13.87 20.40
C ASN A 13 16.63 14.93 19.47
N LEU A 14 16.03 14.50 18.39
CA LEU A 14 15.34 15.40 17.47
C LEU A 14 14.19 14.69 16.79
N GLU A 15 13.16 15.44 16.45
CA GLU A 15 11.92 14.88 15.90
C GLU A 15 11.48 13.68 16.71
N ARG A 16 11.32 13.92 18.01
CA ARG A 16 11.05 12.85 18.97
C ARG A 16 9.58 12.62 19.21
N GLU A 17 8.72 13.49 18.70
CA GLU A 17 7.27 13.33 18.88
C GLU A 17 6.91 13.42 20.33
N CYS A 18 7.55 14.31 21.05
CA CYS A 18 7.39 14.40 22.51
C CYS A 18 6.87 15.75 22.94
N MET A 19 5.67 16.09 22.50
CA MET A 19 4.98 17.29 22.96
C MET A 19 3.49 17.05 23.05
N GLU A 20 2.77 17.29 21.96
CA GLU A 20 1.35 16.99 21.89
C GLU A 20 1.11 15.51 22.07
N GLU A 21 1.81 14.72 21.27
CA GLU A 21 1.74 13.26 21.34
C GLU A 21 2.11 12.72 22.71
N LYS A 22 2.82 13.50 23.50
CA LYS A 22 3.33 13.02 24.79
C LYS A 22 4.18 11.79 24.59
N CYS A 23 4.78 11.68 23.41
CA CYS A 23 5.67 10.58 23.05
C CYS A 23 4.84 9.32 22.78
N SER A 24 4.31 9.25 21.58
CA SER A 24 3.36 8.23 21.19
C SER A 24 3.82 6.83 21.54
N PHE A 25 3.02 6.14 22.35
CA PHE A 25 3.25 4.74 22.68
C PHE A 25 2.25 4.27 23.73
N GLU A 26 2.24 2.98 23.99
CA GLU A 26 1.22 2.35 24.84
C GLU A 26 -0.17 2.51 24.25
N GLU A 27 -0.26 2.82 22.97
CA GLU A 27 -1.54 2.88 22.26
C GLU A 27 -1.40 2.73 20.77
N ALA A 28 -0.29 2.18 20.32
CA ALA A 28 -0.08 1.87 18.90
C ALA A 28 -0.89 0.66 18.51
N ARG A 29 -2.13 0.90 18.16
CA ARG A 29 -3.11 -0.15 17.88
C ARG A 29 -2.79 -0.81 16.55
N GLU A 30 -3.83 -1.17 15.83
CA GLU A 30 -3.70 -1.66 14.46
C GLU A 30 -3.97 -0.54 13.48
N VAL A 31 -3.60 0.67 13.88
CA VAL A 31 -3.79 1.87 13.09
C VAL A 31 -2.45 2.49 12.75
N PHE A 32 -1.41 1.70 12.84
CA PHE A 32 -0.04 2.18 12.70
C PHE A 32 0.80 1.32 11.77
N GLU A 33 0.17 0.41 11.06
CA GLU A 33 0.83 -0.38 10.03
C GLU A 33 0.28 -0.07 8.64
N ASN A 34 -0.51 0.99 8.53
CA ASN A 34 -0.99 1.45 7.23
C ASN A 34 -0.22 2.68 6.80
N THR A 35 1.09 2.61 6.91
CA THR A 35 1.97 3.75 6.66
C THR A 35 2.18 4.01 5.19
N GLU A 36 1.54 3.26 4.32
CA GLU A 36 1.73 3.41 2.88
C GLU A 36 0.94 4.53 2.24
N ARG A 37 0.48 5.46 3.06
CA ARG A 37 -0.17 6.66 2.56
C ARG A 37 0.85 7.66 2.04
N THR A 38 1.07 7.60 0.73
CA THR A 38 2.14 8.43 0.13
C THR A 38 1.77 9.91 0.05
N THR A 39 0.48 10.14 0.01
CA THR A 39 -0.10 11.48 0.06
C THR A 39 0.66 12.45 0.97
N GLU A 40 0.76 11.98 2.20
CA GLU A 40 1.25 12.75 3.34
C GLU A 40 2.67 13.20 3.19
N PHE A 41 3.50 12.34 2.61
CA PHE A 41 4.93 12.63 2.52
C PHE A 41 5.17 13.94 1.80
N TRP A 42 4.86 13.90 0.51
CA TRP A 42 5.16 14.99 -0.41
C TRP A 42 4.39 16.24 -0.06
N LYS A 43 3.39 16.07 0.83
CA LYS A 43 2.68 17.17 1.46
C LYS A 43 3.44 17.87 2.57
N GLN A 44 4.76 17.79 2.53
CA GLN A 44 5.63 18.56 3.41
C GLN A 44 6.68 19.29 2.59
N TYR A 45 6.37 19.52 1.32
CA TYR A 45 7.34 20.04 0.37
C TYR A 45 6.74 20.93 -0.70
N VAL A 46 5.56 20.59 -1.20
CA VAL A 46 4.96 21.32 -2.32
C VAL A 46 4.57 22.71 -1.89
N ASP A 47 4.97 23.68 -2.70
CA ASP A 47 4.68 25.09 -2.41
C ASP A 47 3.52 25.59 -3.23
C FMT B . 24.60 15.45 30.07
O1 FMT B . 24.19 15.61 28.87
O2 FMT B . 25.05 16.44 30.71
C FMT C . 20.01 12.75 27.63
O1 FMT C . 20.46 12.96 28.79
O2 FMT C . 19.31 13.64 27.03
C FMT D . 14.35 14.62 13.05
O1 FMT D . 14.10 13.46 12.60
O2 FMT D . 15.52 15.10 12.94
C FMT E . 7.99 10.08 17.00
O1 FMT E . 8.46 9.61 18.09
O2 FMT E . 7.91 9.34 15.98
C FMT F . -1.21 18.36 19.18
O1 FMT F . -2.21 17.63 18.90
O2 FMT F . -0.74 19.15 18.31
C FMT G . 3.43 12.53 17.81
O1 FMT G . 4.20 13.31 17.16
O2 FMT G . 3.53 11.27 17.65
C FMT H . 1.60 5.34 27.01
O1 FMT H . 0.40 5.39 27.42
O2 FMT H . 2.26 6.42 26.84
C FMT I . -1.47 6.21 21.19
O1 FMT I . -2.33 5.82 20.34
O2 FMT I . -0.71 7.20 20.91
C FMT J . -5.99 -4.67 15.46
O1 FMT J . -6.84 -4.67 14.52
O2 FMT J . -6.29 -5.23 16.57
C FMT K . -1.76 -2.65 10.52
O1 FMT K . -2.89 -2.59 11.09
O2 FMT K . -1.68 -2.98 9.30
C FMT L . 0.98 0.35 4.09
O1 FMT L . 2.17 0.63 4.46
O2 FMT L . 0.35 -0.63 4.60
C FMT M . 1.45 13.56 6.48
O1 FMT M . 1.56 14.67 5.87
O2 FMT M . 0.94 13.53 7.64
N TYR A 1 21.23 -14.93 -30.53
CA TYR A 1 20.97 -15.90 -29.46
C TYR A 1 19.53 -16.36 -29.52
N ASN A 2 18.92 -16.64 -28.38
CA ASN A 2 17.50 -16.98 -28.33
C ASN A 2 16.85 -16.38 -27.11
N SER A 3 15.69 -15.79 -27.30
CA SER A 3 14.97 -15.12 -26.21
C SER A 3 13.54 -15.56 -26.15
N GLY A 4 13.27 -16.54 -25.30
CA GLY A 4 11.90 -16.98 -25.04
C GLY A 4 11.36 -16.33 -23.80
N LYS A 5 11.51 -16.99 -22.66
CA LYS A 5 11.08 -16.44 -21.39
C LYS A 5 11.53 -15.00 -21.23
N LEU A 6 12.72 -14.72 -21.71
CA LEU A 6 13.25 -13.37 -21.79
C LEU A 6 12.78 -12.61 -23.00
N GLU A 7 11.51 -12.68 -23.34
CA GLU A 7 10.97 -11.98 -24.51
C GLU A 7 11.17 -10.48 -24.36
N GLU A 8 11.99 -9.91 -25.23
CA GLU A 8 12.40 -8.51 -25.08
C GLU A 8 12.72 -8.25 -23.62
N PHE A 9 13.83 -8.77 -23.18
CA PHE A 9 14.19 -8.82 -21.76
C PHE A 9 13.99 -7.53 -20.99
N VAL A 10 13.98 -7.69 -19.67
CA VAL A 10 13.89 -6.64 -18.67
C VAL A 10 14.54 -5.34 -19.10
N GLN A 11 15.67 -5.44 -19.76
CA GLN A 11 16.44 -4.26 -20.16
C GLN A 11 15.64 -3.40 -21.11
N GLY A 12 15.01 -2.36 -20.58
CA GLY A 12 14.29 -1.38 -21.39
C GLY A 12 13.16 -0.76 -20.61
N ASN A 13 12.49 -1.56 -19.81
CA ASN A 13 11.30 -1.13 -19.07
C ASN A 13 11.67 -0.22 -17.92
N LEU A 14 11.27 -0.53 -16.71
CA LEU A 14 11.67 0.20 -15.51
C LEU A 14 10.88 1.48 -15.35
N GLU A 15 10.28 1.65 -14.19
CA GLU A 15 9.57 2.87 -13.79
C GLU A 15 8.75 3.47 -14.90
N ARG A 16 8.13 2.62 -15.70
CA ARG A 16 7.39 3.06 -16.88
C ARG A 16 5.93 2.64 -16.81
N GLU A 17 5.68 1.36 -16.61
CA GLU A 17 4.36 0.72 -16.67
C GLU A 17 3.26 1.56 -17.25
N CYS A 18 3.48 2.11 -18.42
CA CYS A 18 2.48 2.95 -19.09
C CYS A 18 2.66 2.99 -20.58
N MET A 19 2.05 2.03 -21.25
CA MET A 19 2.02 2.00 -22.72
C MET A 19 0.92 1.09 -23.22
N GLU A 20 1.13 -0.20 -23.13
CA GLU A 20 0.16 -1.17 -23.64
C GLU A 20 -1.18 -1.02 -22.95
N GLU A 21 -1.16 -1.05 -21.63
CA GLU A 21 -2.37 -0.93 -20.82
C GLU A 21 -2.98 0.46 -20.88
N LYS A 22 -2.26 1.42 -21.42
CA LYS A 22 -2.59 2.84 -21.42
C LYS A 22 -1.96 3.50 -20.22
N CYS A 23 -1.93 2.77 -19.12
CA CYS A 23 -1.19 3.15 -17.92
C CYS A 23 -1.42 2.12 -16.81
N SER A 24 -1.49 0.86 -17.20
CA SER A 24 -1.64 -0.29 -16.31
C SER A 24 -2.62 -0.06 -15.17
N PHE A 25 -3.83 -0.59 -15.34
CA PHE A 25 -4.87 -0.60 -14.33
C PHE A 25 -5.48 0.78 -14.17
N GLU A 26 -6.80 0.81 -14.01
CA GLU A 26 -7.59 2.03 -14.01
C GLU A 26 -7.00 3.16 -13.19
N GLU A 27 -6.77 4.29 -13.84
CA GLU A 27 -6.28 5.51 -13.20
C GLU A 27 -5.30 5.18 -12.09
N ALA A 28 -4.45 4.21 -12.37
CA ALA A 28 -3.54 3.64 -11.36
C ALA A 28 -2.42 4.59 -11.03
N ARG A 29 -2.64 5.44 -10.04
CA ARG A 29 -1.71 6.48 -9.64
C ARG A 29 -0.64 6.00 -8.70
N GLU A 30 -0.36 4.72 -8.68
CA GLU A 30 0.50 4.13 -7.65
C GLU A 30 -0.06 4.42 -6.27
N VAL A 31 -1.35 4.67 -6.23
CA VAL A 31 -2.06 5.01 -4.99
C VAL A 31 -2.97 3.88 -4.56
N PHE A 32 -2.72 2.69 -5.09
CA PHE A 32 -3.63 1.56 -4.92
C PHE A 32 -2.92 0.27 -4.61
N GLU A 33 -1.62 0.32 -4.36
CA GLU A 33 -0.83 -0.81 -3.88
C GLU A 33 0.14 -0.33 -2.82
N ASN A 34 -0.29 0.67 -2.07
CA ASN A 34 0.54 1.39 -1.10
C ASN A 34 -0.12 2.70 -0.74
N THR A 35 -1.35 2.60 -0.28
CA THR A 35 -2.22 3.74 -0.06
C THR A 35 -1.75 4.67 1.04
N GLU A 36 -1.43 4.11 2.19
CA GLU A 36 -1.12 4.96 3.37
C GLU A 36 0.27 5.54 3.39
N ARG A 37 1.00 5.39 2.29
CA ARG A 37 2.29 6.04 2.14
C ARG A 37 2.11 7.46 1.63
N THR A 38 1.95 7.57 0.31
CA THR A 38 1.90 8.88 -0.33
C THR A 38 0.57 9.59 -0.08
N THR A 39 0.67 10.87 0.19
CA THR A 39 -0.39 11.87 0.32
C THR A 39 0.01 12.81 1.47
N GLU A 40 0.58 12.18 2.47
CA GLU A 40 1.16 12.84 3.64
C GLU A 40 2.53 13.42 3.38
N PHE A 41 3.47 12.50 3.17
CA PHE A 41 4.91 12.81 3.09
C PHE A 41 5.20 13.97 2.17
N TRP A 42 4.78 13.85 0.93
CA TRP A 42 5.13 14.81 -0.12
C TRP A 42 4.42 16.14 0.06
N LYS A 43 3.35 16.12 0.83
CA LYS A 43 2.64 17.34 1.22
C LYS A 43 3.35 18.17 2.28
N GLN A 44 4.63 17.94 2.48
CA GLN A 44 5.46 18.77 3.36
C GLN A 44 6.61 19.38 2.58
N TYR A 45 6.48 19.39 1.25
CA TYR A 45 7.54 19.82 0.35
C TYR A 45 7.03 20.67 -0.78
N VAL A 46 5.88 20.32 -1.33
CA VAL A 46 5.26 21.12 -2.39
C VAL A 46 4.89 22.49 -1.87
N ASP A 47 5.47 23.51 -2.49
CA ASP A 47 5.28 24.89 -2.04
C ASP A 47 4.16 25.55 -2.80
C FMT B . 7.67 -13.43 -26.14
O1 FMT B . 7.48 -12.81 -27.22
O2 FMT B . 6.69 -13.97 -25.53
C FMT C . 9.90 -6.80 -27.64
O1 FMT C . 9.31 -5.96 -26.88
O2 FMT C . 9.85 -6.66 -28.90
C FMT D . 13.02 4.46 -12.54
O1 FMT D . 13.21 4.55 -11.29
O2 FMT D . 13.58 5.26 -13.34
C FMT E . 4.67 0.24 -12.75
O1 FMT E . 4.74 1.31 -12.08
O2 FMT E . 4.19 -0.82 -12.22
C FMT F . 1.08 -4.72 -22.05
O1 FMT F . 1.97 -5.20 -22.82
O2 FMT F . 0.39 -5.49 -21.32
C FMT G . -1.22 -3.33 -18.01
O1 FMT G . -0.05 -3.57 -18.44
O2 FMT G . -1.50 -3.53 -16.79
C FMT H . -9.83 -0.67 -13.93
O1 FMT H . -10.03 -0.98 -12.71
O2 FMT H . -9.56 -1.58 -14.78
C FMT I . -9.46 7.85 -13.27
O1 FMT I . -10.28 6.98 -12.84
O2 FMT I . -9.83 9.06 -13.41
C FMT J . 2.78 6.68 -9.14
O1 FMT J . 2.51 7.45 -10.12
O2 FMT J . 3.40 7.14 -8.13
C FMT K . -0.09 -1.74 -7.62
O1 FMT K . 0.90 -0.95 -7.71
O2 FMT K . -0.38 -2.50 -8.58
C FMT L . -1.26 1.60 4.22
O1 FMT L . -0.24 1.40 4.97
O2 FMT L . -1.51 0.80 3.27
C FMT M . 2.27 13.49 6.36
O1 FMT M . 3.25 14.00 7.00
O2 FMT M . 1.24 14.20 6.12
N TYR A 1 -23.81 -34.88 -16.79
CA TYR A 1 -22.37 -34.90 -17.04
C TYR A 1 -21.59 -34.88 -15.75
N ASN A 2 -21.54 -33.72 -15.12
CA ASN A 2 -20.90 -33.59 -13.81
C ASN A 2 -21.01 -32.19 -13.28
N SER A 3 -21.04 -31.21 -14.15
CA SER A 3 -21.26 -29.82 -13.76
C SER A 3 -22.71 -29.60 -13.41
N GLY A 4 -23.43 -28.78 -14.16
CA GLY A 4 -24.74 -28.27 -13.75
C GLY A 4 -24.45 -26.94 -13.01
N LYS A 5 -23.45 -27.02 -12.17
CA LYS A 5 -22.81 -25.85 -11.59
C LYS A 5 -22.05 -25.08 -12.65
N LEU A 6 -22.06 -25.52 -13.89
CA LEU A 6 -21.57 -24.73 -15.01
C LEU A 6 -22.36 -23.44 -15.16
N GLU A 7 -23.49 -23.36 -14.49
CA GLU A 7 -24.28 -22.14 -14.42
C GLU A 7 -23.49 -21.03 -13.76
N GLU A 8 -22.66 -21.36 -12.80
CA GLU A 8 -21.67 -20.44 -12.22
C GLU A 8 -20.29 -20.96 -12.55
N PHE A 9 -19.94 -22.10 -11.99
CA PHE A 9 -18.82 -22.94 -12.37
C PHE A 9 -17.55 -22.72 -11.57
N VAL A 10 -16.57 -23.55 -11.84
CA VAL A 10 -15.21 -23.47 -11.32
C VAL A 10 -14.79 -22.04 -11.06
N GLN A 11 -15.09 -21.17 -12.00
CA GLN A 11 -14.86 -19.73 -11.83
C GLN A 11 -15.66 -19.20 -10.67
N GLY A 12 -15.05 -19.18 -9.51
CA GLY A 12 -15.69 -18.68 -8.29
C GLY A 12 -14.71 -17.88 -7.46
N ASN A 13 -15.00 -17.75 -6.17
CA ASN A 13 -14.17 -16.96 -5.28
C ASN A 13 -12.95 -17.75 -4.84
N LEU A 14 -12.81 -18.02 -3.57
CA LEU A 14 -11.65 -18.76 -3.06
C LEU A 14 -10.35 -18.06 -3.41
N GLU A 15 -9.73 -18.43 -4.52
CA GLU A 15 -8.53 -17.76 -5.01
C GLU A 15 -8.71 -17.32 -6.45
N ARG A 16 -9.86 -16.73 -6.73
CA ARG A 16 -10.22 -16.32 -8.09
C ARG A 16 -11.13 -15.12 -8.06
N GLU A 17 -10.61 -14.01 -7.55
CA GLU A 17 -11.36 -12.76 -7.52
C GLU A 17 -11.55 -12.22 -8.91
N CYS A 18 -11.59 -10.91 -9.06
CA CYS A 18 -11.88 -10.28 -10.35
C CYS A 18 -10.63 -10.27 -11.22
N MET A 19 -10.82 -10.51 -12.50
CA MET A 19 -9.71 -10.67 -13.44
C MET A 19 -8.91 -9.39 -13.55
N GLU A 20 -9.47 -8.42 -14.27
CA GLU A 20 -8.88 -7.10 -14.38
C GLU A 20 -8.73 -6.47 -13.01
N GLU A 21 -8.42 -5.18 -13.00
CA GLU A 21 -8.27 -4.43 -11.75
C GLU A 21 -9.58 -4.19 -11.01
N LYS A 22 -10.65 -4.83 -11.41
CA LYS A 22 -11.91 -4.73 -10.67
C LYS A 22 -11.71 -5.05 -9.21
N CYS A 23 -10.94 -6.08 -8.94
CA CYS A 23 -10.57 -6.45 -7.58
C CYS A 23 -9.10 -6.81 -7.50
N SER A 24 -8.31 -5.95 -6.90
CA SER A 24 -6.88 -6.19 -6.74
C SER A 24 -6.37 -5.65 -5.43
N PHE A 25 -6.09 -6.55 -4.50
CA PHE A 25 -5.63 -6.18 -3.16
C PHE A 25 -4.83 -7.29 -2.51
N GLU A 26 -5.28 -8.51 -2.65
CA GLU A 26 -4.72 -9.70 -1.99
C GLU A 26 -3.23 -9.60 -1.75
N GLU A 27 -2.85 -9.25 -0.54
CA GLU A 27 -1.47 -9.14 -0.09
C GLU A 27 -0.52 -8.68 -1.18
N ALA A 28 -0.68 -7.44 -1.59
CA ALA A 28 0.23 -6.82 -2.54
C ALA A 28 1.55 -6.49 -1.88
N ARG A 29 2.54 -7.34 -2.07
CA ARG A 29 3.83 -7.20 -1.38
C ARG A 29 4.63 -6.06 -1.95
N GLU A 30 4.47 -5.81 -3.24
CA GLU A 30 5.10 -4.66 -3.88
C GLU A 30 4.21 -3.43 -3.88
N VAL A 31 3.27 -3.38 -2.96
CA VAL A 31 2.43 -2.20 -2.76
C VAL A 31 2.03 -2.06 -1.32
N PHE A 32 2.81 -2.64 -0.43
CA PHE A 32 2.48 -2.70 0.99
C PHE A 32 3.05 -1.54 1.76
N GLU A 33 4.28 -1.17 1.43
CA GLU A 33 5.01 -0.14 2.17
C GLU A 33 5.31 1.05 1.30
N ASN A 34 4.37 1.40 0.43
CA ASN A 34 4.54 2.61 -0.40
C ASN A 34 3.25 3.32 -0.75
N THR A 35 2.15 2.61 -0.90
CA THR A 35 0.91 3.20 -1.40
C THR A 35 0.39 4.27 -0.45
N GLU A 36 0.13 3.89 0.79
CA GLU A 36 -0.50 4.80 1.75
C GLU A 36 0.46 5.75 2.42
N ARG A 37 1.68 5.82 1.91
CA ARG A 37 2.67 6.79 2.37
C ARG A 37 2.48 8.14 1.73
N THR A 38 2.43 8.16 0.41
CA THR A 38 2.14 9.38 -0.33
C THR A 38 0.85 10.01 0.15
N THR A 39 0.53 11.17 -0.41
CA THR A 39 -0.58 12.01 0.01
C THR A 39 -0.26 12.91 1.20
N GLU A 40 0.12 12.25 2.27
CA GLU A 40 0.64 12.93 3.46
C GLU A 40 2.09 13.34 3.28
N PHE A 41 2.93 12.33 3.10
CA PHE A 41 4.38 12.46 3.14
C PHE A 41 4.88 13.58 2.24
N TRP A 42 4.45 13.54 1.00
CA TRP A 42 4.96 14.41 -0.06
C TRP A 42 4.56 15.85 0.15
N LYS A 43 3.45 16.07 0.83
CA LYS A 43 2.94 17.42 1.07
C LYS A 43 3.71 18.20 2.11
N GLN A 44 4.91 17.77 2.44
CA GLN A 44 5.85 18.54 3.27
C GLN A 44 6.93 19.21 2.45
N TYR A 45 6.74 19.19 1.14
CA TYR A 45 7.67 19.77 0.18
C TYR A 45 6.91 20.61 -0.84
N VAL A 46 5.76 20.14 -1.27
CA VAL A 46 4.89 20.94 -2.14
C VAL A 46 4.25 22.05 -1.31
N ASP A 47 4.60 23.28 -1.63
CA ASP A 47 4.07 24.44 -0.90
C ASP A 47 3.76 25.58 -1.84
C FMT B . -28.14 -22.97 -13.93
O1 FMT B . -29.04 -23.74 -14.41
O2 FMT B . -28.34 -22.36 -12.84
C FMT C . -23.04 -21.34 -8.65
O1 FMT C . -22.62 -20.53 -7.77
O2 FMT C . -23.31 -22.54 -8.34
C FMT D . -6.07 -20.20 -6.54
O1 FMT D . -4.95 -19.88 -6.04
O2 FMT D . -6.13 -20.68 -7.72
C FMT E . -9.44 -11.26 -4.35
O1 FMT E . -9.05 -10.18 -4.89
O2 FMT E . -9.26 -11.45 -3.12
C FMT F . -10.75 -7.19 -17.49
O1 FMT F . -11.00 -7.03 -18.73
O2 FMT F . -11.50 -7.92 -16.77
C FMT G . -6.42 -2.87 -14.33
O1 FMT G . -5.95 -3.68 -15.19
O2 FMT G . -7.03 -1.83 -14.71
C FMT H . -3.49 -12.11 -4.54
O1 FMT H . -2.27 -11.89 -4.81
O2 FMT H . -3.91 -13.30 -4.45
C FMT I . -0.94 -12.84 -0.53
O1 FMT I . -1.38 -13.54 -1.50
O2 FMT I . 0.25 -13.04 -0.11
C FMT J . 6.64 -7.01 -6.48
O1 FMT J . 6.56 -8.20 -6.01
O2 FMT J . 6.56 -6.83 -7.74
C FMT K . 8.29 -0.72 1.10
O1 FMT K . 8.20 -0.36 -0.11
O2 FMT K . 9.30 -0.36 1.79
C FMT L . -2.03 1.51 2.86
O1 FMT L . -0.84 1.10 3.02
O2 FMT L . -3.00 0.75 3.13
C FMT M . -0.79 10.26 6.04
O1 FMT M . -1.69 9.36 6.03
O2 FMT M . 0.16 10.21 6.89
N TYR A 1 4.57 -7.30 19.42
CA TYR A 1 5.35 -7.66 18.22
C TYR A 1 5.31 -9.16 18.01
N ASN A 2 6.13 -9.88 18.75
CA ASN A 2 6.11 -11.34 18.74
C ASN A 2 6.18 -11.89 17.34
N SER A 3 7.39 -12.01 16.82
CA SER A 3 7.61 -12.55 15.49
C SER A 3 6.98 -11.69 14.44
N GLY A 4 6.81 -12.27 13.26
CA GLY A 4 6.35 -11.50 12.08
C GLY A 4 7.54 -11.37 11.14
N LYS A 5 8.70 -11.26 11.77
CA LYS A 5 9.99 -11.34 11.09
C LYS A 5 10.72 -12.61 11.51
N LEU A 6 11.20 -12.62 12.73
CA LEU A 6 12.06 -13.71 13.23
C LEU A 6 11.30 -14.96 13.64
N GLU A 7 10.58 -14.89 14.74
CA GLU A 7 9.94 -16.09 15.32
C GLU A 7 9.06 -16.76 14.27
N GLU A 8 9.04 -18.07 14.31
CA GLU A 8 8.54 -18.93 13.23
C GLU A 8 9.54 -18.85 12.09
N PHE A 9 9.61 -17.69 11.45
CA PHE A 9 10.70 -17.27 10.59
C PHE A 9 10.65 -17.72 9.15
N VAL A 10 11.50 -17.09 8.36
CA VAL A 10 11.87 -17.43 6.99
C VAL A 10 11.70 -18.92 6.73
N GLN A 11 12.10 -19.72 7.70
CA GLN A 11 11.86 -21.15 7.69
C GLN A 11 10.49 -21.48 8.21
N GLY A 12 9.46 -21.15 7.45
CA GLY A 12 8.08 -21.27 7.90
C GLY A 12 7.34 -22.36 7.16
N ASN A 13 6.13 -22.63 7.61
CA ASN A 13 5.25 -23.57 6.93
C ASN A 13 3.89 -22.97 6.69
N LEU A 14 3.85 -21.91 5.90
CA LEU A 14 2.60 -21.27 5.51
C LEU A 14 2.09 -21.85 4.22
N GLU A 15 1.82 -21.04 3.22
CA GLU A 15 1.38 -21.51 1.91
C GLU A 15 2.52 -21.68 0.94
N ARG A 16 3.63 -22.22 1.42
CA ARG A 16 4.78 -22.65 0.65
C ARG A 16 4.89 -21.87 -0.64
N GLU A 17 5.02 -20.56 -0.50
CA GLU A 17 5.25 -19.65 -1.61
C GLU A 17 6.26 -20.17 -2.61
N CYS A 18 6.26 -19.55 -3.78
CA CYS A 18 7.07 -20.00 -4.91
C CYS A 18 8.48 -19.44 -4.91
N MET A 19 8.96 -19.00 -3.78
CA MET A 19 10.19 -18.22 -3.61
C MET A 19 9.79 -16.78 -3.34
N GLU A 20 9.77 -16.43 -2.06
CA GLU A 20 9.26 -15.14 -1.60
C GLU A 20 9.69 -13.98 -2.48
N GLU A 21 10.97 -13.89 -2.77
CA GLU A 21 11.50 -12.79 -3.59
C GLU A 21 11.07 -12.94 -5.03
N LYS A 22 10.98 -14.18 -5.50
CA LYS A 22 10.51 -14.46 -6.85
C LYS A 22 9.00 -14.61 -6.93
N CYS A 23 8.30 -14.28 -5.87
CA CYS A 23 6.84 -14.27 -5.85
C CYS A 23 6.35 -12.96 -5.27
N SER A 24 6.42 -12.85 -3.95
CA SER A 24 6.13 -11.62 -3.24
C SER A 24 4.74 -11.12 -3.60
N PHE A 25 4.43 -9.91 -3.17
CA PHE A 25 3.19 -9.21 -3.53
C PHE A 25 1.96 -9.88 -2.96
N GLU A 26 1.39 -10.84 -3.65
CA GLU A 26 0.12 -11.49 -3.32
C GLU A 26 -0.19 -11.51 -1.84
N GLU A 27 -1.33 -10.95 -1.48
CA GLU A 27 -1.85 -10.98 -0.11
C GLU A 27 -0.80 -10.51 0.89
N ALA A 28 -0.07 -9.48 0.53
CA ALA A 28 0.89 -8.88 1.46
C ALA A 28 0.18 -8.48 2.74
N ARG A 29 0.56 -9.10 3.84
CA ARG A 29 0.03 -8.74 5.15
C ARG A 29 0.73 -7.53 5.69
N GLU A 30 1.92 -7.71 6.23
CA GLU A 30 2.66 -6.64 6.89
C GLU A 30 3.64 -5.97 5.95
N VAL A 31 3.36 -6.02 4.66
CA VAL A 31 4.14 -5.30 3.65
C VAL A 31 3.26 -4.44 2.78
N PHE A 32 2.02 -4.28 3.19
CA PHE A 32 1.00 -3.60 2.39
C PHE A 32 0.72 -2.20 2.89
N GLU A 33 1.06 -1.93 4.13
CA GLU A 33 0.84 -0.61 4.72
C GLU A 33 1.93 0.39 4.40
N ASN A 34 2.75 0.10 3.41
CA ASN A 34 3.76 1.05 2.93
C ASN A 34 3.38 1.64 1.59
N THR A 35 2.36 1.10 0.95
CA THR A 35 1.85 1.64 -0.30
C THR A 35 0.93 2.82 -0.06
N GLU A 36 0.12 2.72 0.99
CA GLU A 36 -0.82 3.78 1.35
C GLU A 36 -0.20 4.90 2.16
N ARG A 37 1.11 5.06 2.08
CA ARG A 37 1.83 6.14 2.76
C ARG A 37 1.77 7.43 1.98
N THR A 38 1.62 7.34 0.67
CA THR A 38 1.64 8.51 -0.20
C THR A 38 0.59 9.52 0.21
N THR A 39 0.62 10.68 -0.42
CA THR A 39 -0.25 11.83 -0.18
C THR A 39 0.43 12.78 0.81
N GLU A 40 0.70 12.22 1.97
CA GLU A 40 1.18 12.95 3.13
C GLU A 40 2.64 13.33 3.07
N PHE A 41 3.48 12.38 2.75
CA PHE A 41 4.93 12.57 2.76
C PHE A 41 5.31 13.83 2.02
N TRP A 42 4.82 13.93 0.80
CA TRP A 42 5.15 15.03 -0.10
C TRP A 42 4.39 16.30 0.23
N LYS A 43 3.36 16.15 1.07
CA LYS A 43 2.64 17.29 1.62
C LYS A 43 3.39 18.10 2.67
N GLN A 44 4.69 17.93 2.73
CA GLN A 44 5.57 18.76 3.53
C GLN A 44 6.62 19.42 2.64
N TYR A 45 6.35 19.44 1.35
CA TYR A 45 7.30 19.90 0.35
C TYR A 45 6.63 20.56 -0.83
N VAL A 46 5.34 20.87 -0.70
CA VAL A 46 4.58 21.39 -1.86
C VAL A 46 5.05 22.77 -2.22
N ASP A 47 5.40 22.96 -3.48
CA ASP A 47 5.77 24.28 -3.98
C ASP A 47 5.42 24.41 -5.44
C FMT B . 9.23 -15.61 19.19
O1 FMT B . 8.84 -16.56 19.95
O2 FMT B . 8.95 -14.41 19.49
C FMT C . 4.92 -17.31 13.43
O1 FMT C . 4.67 -17.35 12.19
O2 FMT C . 4.11 -16.70 14.21
C FMT D . -0.74 -18.96 3.08
O1 FMT D . -0.10 -17.97 2.58
O2 FMT D . -1.23 -18.88 4.24
C FMT E . 7.46 -19.32 0.51
O1 FMT E . 8.52 -19.18 -0.19
O2 FMT E . 7.35 -20.31 1.30
C FMT F . 12.02 -14.30 0.88
O1 FMT F . 13.25 -14.17 0.62
O2 FMT F . 11.47 -13.53 1.72
C FMT G . 13.63 -10.94 -5.19
O1 FMT G . 13.08 -10.66 -6.30
O2 FMT G . 13.98 -10.02 -4.40
C FMT H . -0.28 -14.60 -5.77
O1 FMT H . -1.21 -15.44 -5.90
O2 FMT H . 0.92 -14.92 -6.08
C FMT I . -2.92 -14.75 -0.60
O1 FMT I . -3.11 -15.15 0.59
O2 FMT I . -2.71 -15.61 -1.52
C FMT J . 5.81 -7.42 8.95
O1 FMT J . 5.76 -6.26 9.45
O2 FMT J . 6.71 -8.24 9.34
C FMT K . 2.63 -0.07 7.80
O1 FMT K . 2.15 1.10 7.75
O2 FMT K . 3.67 -0.29 8.52
C FMT L . -3.31 1.06 2.82
O1 FMT L . -4.57 1.15 2.76
O2 FMT L . -2.77 0.43 3.78
C FMT M . 1.64 13.63 6.27
O1 FMT M . 1.50 14.69 5.58
O2 FMT M . 1.55 13.68 7.54
N TYR A 1 4.35 27.21 -17.72
CA TYR A 1 4.37 28.67 -17.65
C TYR A 1 3.52 29.28 -18.74
N ASN A 2 3.87 28.99 -19.98
CA ASN A 2 3.07 29.40 -21.13
C ASN A 2 3.07 28.34 -22.19
N SER A 3 2.59 27.16 -21.83
CA SER A 3 2.64 25.99 -22.71
C SER A 3 2.01 26.29 -24.04
N GLY A 4 2.77 26.09 -25.11
CA GLY A 4 2.28 26.22 -26.48
C GLY A 4 2.56 24.96 -27.27
N LYS A 5 3.69 24.96 -27.95
CA LYS A 5 4.16 23.76 -28.66
C LYS A 5 4.19 22.57 -27.74
N LEU A 6 4.37 22.82 -26.46
CA LEU A 6 4.29 21.81 -25.41
C LEU A 6 2.87 21.53 -24.98
N GLU A 7 1.92 21.49 -25.91
CA GLU A 7 0.51 21.32 -25.60
C GLU A 7 0.24 19.92 -25.08
N GLU A 8 -0.60 19.82 -24.06
CA GLU A 8 -0.80 18.55 -23.37
C GLU A 8 0.53 17.88 -23.09
N PHE A 9 1.56 18.68 -22.96
CA PHE A 9 2.99 18.38 -22.91
C PHE A 9 3.38 16.93 -22.71
N VAL A 10 4.31 16.68 -21.80
CA VAL A 10 4.90 15.36 -21.59
C VAL A 10 3.84 14.35 -21.21
N GLN A 11 2.72 14.86 -20.72
CA GLN A 11 1.53 14.07 -20.44
C GLN A 11 0.66 13.85 -21.66
N GLY A 12 1.27 13.64 -22.82
CA GLY A 12 0.54 13.53 -24.07
C GLY A 12 0.82 12.22 -24.77
N ASN A 13 1.12 12.31 -26.05
CA ASN A 13 1.30 11.12 -26.88
C ASN A 13 0.16 10.15 -26.71
N LEU A 14 -1.00 10.67 -26.35
CA LEU A 14 -2.17 9.85 -26.04
C LEU A 14 -1.81 8.66 -25.17
N GLU A 15 -1.22 8.95 -24.02
CA GLU A 15 -0.78 7.93 -23.08
C GLU A 15 -0.06 6.81 -23.79
N ARG A 16 1.12 7.15 -24.27
CA ARG A 16 2.06 6.21 -24.87
C ARG A 16 2.33 5.00 -24.01
N GLU A 17 1.96 5.03 -22.73
CA GLU A 17 2.07 3.87 -21.86
C GLU A 17 1.07 2.81 -22.25
N CYS A 18 0.85 1.86 -21.37
CA CYS A 18 0.00 0.71 -21.66
C CYS A 18 -1.46 1.02 -21.39
N MET A 19 -2.32 0.54 -22.26
CA MET A 19 -3.76 0.77 -22.15
C MET A 19 -4.30 0.17 -20.87
N GLU A 20 -4.41 -1.16 -20.87
CA GLU A 20 -4.80 -1.91 -19.68
C GLU A 20 -3.80 -1.66 -18.57
N GLU A 21 -3.86 -2.45 -17.51
CA GLU A 21 -2.94 -2.38 -16.40
C GLU A 21 -1.54 -2.86 -16.71
N LYS A 22 -1.25 -3.23 -17.94
CA LYS A 22 0.03 -3.82 -18.29
C LYS A 22 1.19 -2.94 -17.86
N CYS A 23 0.95 -1.64 -17.81
CA CYS A 23 1.94 -0.70 -17.30
C CYS A 23 1.33 0.28 -16.33
N SER A 24 0.15 0.78 -16.68
CA SER A 24 -0.52 1.80 -15.87
C SER A 24 -2.02 1.58 -15.86
N PHE A 25 -2.62 1.67 -14.69
CA PHE A 25 -4.08 1.59 -14.58
C PHE A 25 -4.68 2.98 -14.52
N GLU A 26 -4.65 3.58 -13.34
CA GLU A 26 -5.07 4.97 -13.15
C GLU A 26 -4.01 5.71 -12.37
N GLU A 27 -3.57 5.07 -11.30
CA GLU A 27 -2.42 5.53 -10.50
C GLU A 27 -1.65 4.33 -10.00
N ALA A 28 -1.38 3.41 -10.91
CA ALA A 28 -0.77 2.12 -10.55
C ALA A 28 0.71 2.19 -10.19
N ARG A 29 1.23 3.39 -10.04
CA ARG A 29 2.58 3.60 -9.55
C ARG A 29 2.62 3.56 -8.03
N GLU A 30 2.15 4.65 -7.43
CA GLU A 30 2.20 4.83 -5.98
C GLU A 30 0.96 4.33 -5.28
N VAL A 31 0.25 3.42 -5.91
CA VAL A 31 -0.90 2.74 -5.29
C VAL A 31 -0.75 1.24 -5.43
N PHE A 32 0.49 0.80 -5.57
CA PHE A 32 0.81 -0.59 -5.85
C PHE A 32 1.91 -1.07 -4.94
N GLU A 33 1.53 -1.60 -3.80
CA GLU A 33 2.48 -1.97 -2.75
C GLU A 33 3.18 -0.74 -2.20
N ASN A 34 2.47 0.37 -2.18
CA ASN A 34 2.99 1.62 -1.62
C ASN A 34 1.92 2.70 -1.68
N THR A 35 0.72 2.34 -1.27
CA THR A 35 -0.46 3.20 -1.41
C THR A 35 -0.52 4.31 -0.40
N GLU A 36 -0.74 3.97 0.86
CA GLU A 36 -1.02 4.95 1.90
C GLU A 36 0.21 5.65 2.46
N ARG A 37 1.32 5.61 1.74
CA ARG A 37 2.51 6.37 2.12
C ARG A 37 2.39 7.80 1.65
N THR A 38 2.44 7.98 0.34
CA THR A 38 2.20 9.29 -0.25
C THR A 38 0.85 9.84 0.14
N THR A 39 0.55 11.04 -0.30
CA THR A 39 -0.61 11.84 0.07
C THR A 39 -0.27 12.68 1.30
N GLU A 40 0.20 11.97 2.30
CA GLU A 40 0.71 12.55 3.54
C GLU A 40 2.12 13.07 3.42
N PHE A 41 3.07 12.16 3.32
CA PHE A 41 4.50 12.47 3.38
C PHE A 41 4.89 13.59 2.44
N TRP A 42 4.41 13.51 1.21
CA TRP A 42 4.84 14.39 0.13
C TRP A 42 4.38 15.81 0.28
N LYS A 43 3.31 16.01 1.04
CA LYS A 43 2.77 17.36 1.28
C LYS A 43 3.58 18.22 2.23
N GLN A 44 4.83 17.89 2.43
CA GLN A 44 5.75 18.72 3.21
C GLN A 44 6.82 19.31 2.33
N TYR A 45 6.50 19.50 1.06
CA TYR A 45 7.48 19.95 0.07
C TYR A 45 6.89 20.89 -0.96
N VAL A 46 5.67 20.61 -1.40
CA VAL A 46 5.03 21.44 -2.42
C VAL A 46 5.02 22.90 -1.99
N ASP A 47 5.34 23.78 -2.91
CA ASP A 47 5.29 25.22 -2.68
C ASP A 47 4.42 25.90 -3.70
C FMT B . -1.67 19.70 -27.95
O1 FMT B . -2.77 20.32 -27.81
O2 FMT B . -1.66 18.44 -28.10
C FMT C . -4.01 17.33 -25.34
O1 FMT C . -5.04 17.10 -24.64
O2 FMT C . -3.86 16.70 -26.43
C FMT D . -3.68 9.44 -22.32
O1 FMT D . -4.54 8.81 -23.01
O2 FMT D . -3.65 10.72 -22.37
C FMT E . 1.96 6.16 -18.63
O1 FMT E . 1.19 5.41 -17.94
O2 FMT E . 2.28 7.30 -18.19
C FMT F . -7.34 -4.16 -19.70
O1 FMT F . -8.18 -5.09 -19.94
O2 FMT F . -7.41 -3.50 -18.62
C FMT G . -2.95 -5.37 -16.45
O1 FMT G . -1.94 -5.95 -15.93
O2 FMT G . -3.11 -5.40 -17.72
C FMT H . -8.70 3.97 -11.92
O1 FMT H . -9.79 3.39 -12.25
O2 FMT H . -8.58 4.47 -10.75
C FMT I . -4.77 7.90 -8.37
O1 FMT I . -4.34 7.56 -7.23
O2 FMT I . -5.82 8.61 -8.47
C FMT J . 2.59 7.79 -7.77
O1 FMT J . 1.40 8.19 -7.56
O2 FMT J . 3.12 7.95 -8.91
C FMT K . 3.87 -3.91 -5.68
O1 FMT K . 3.38 -4.20 -6.82
O2 FMT K . 5.09 -3.58 -5.58
C FMT L . -1.34 1.74 3.06
O1 FMT L . -1.19 0.78 2.24
O2 FMT L . -0.65 1.80 4.11
C FMT M . 1.95 12.92 6.29
O1 FMT M . 3.08 13.51 6.17
O2 FMT M . 0.98 13.52 6.85
N TYR A 1 -41.05 -17.02 -9.75
CA TYR A 1 -41.21 -16.33 -8.48
C TYR A 1 -39.92 -16.36 -7.68
N ASN A 2 -39.34 -17.54 -7.54
CA ASN A 2 -38.20 -17.80 -6.67
C ASN A 2 -37.13 -16.74 -6.70
N SER A 3 -37.25 -15.75 -5.84
CA SER A 3 -36.29 -14.70 -5.54
C SER A 3 -36.85 -13.31 -5.79
N GLY A 4 -36.49 -12.41 -4.89
CA GLY A 4 -36.70 -10.98 -5.08
C GLY A 4 -35.50 -10.44 -5.87
N LYS A 5 -34.37 -11.11 -5.68
CA LYS A 5 -33.19 -10.92 -6.51
C LYS A 5 -33.41 -11.45 -7.90
N LEU A 6 -34.57 -12.01 -8.18
CA LEU A 6 -34.96 -12.42 -9.54
C LEU A 6 -34.94 -11.21 -10.46
N GLU A 7 -35.53 -10.13 -9.99
CA GLU A 7 -35.36 -8.81 -10.63
C GLU A 7 -33.90 -8.42 -10.55
N GLU A 8 -33.43 -7.73 -11.58
CA GLU A 8 -32.01 -7.47 -11.73
C GLU A 8 -31.21 -8.73 -11.44
N PHE A 9 -31.66 -9.82 -12.05
CA PHE A 9 -31.17 -11.16 -11.75
C PHE A 9 -29.68 -11.40 -11.99
N VAL A 10 -29.24 -12.48 -11.36
CA VAL A 10 -27.88 -12.97 -11.51
C VAL A 10 -27.24 -12.64 -12.83
N GLN A 11 -26.19 -11.85 -12.72
CA GLN A 11 -25.58 -11.09 -13.79
C GLN A 11 -24.57 -11.86 -14.60
N GLY A 12 -23.34 -11.97 -14.12
CA GLY A 12 -22.26 -12.59 -14.88
C GLY A 12 -21.80 -13.86 -14.24
N ASN A 13 -20.58 -14.26 -14.52
CA ASN A 13 -20.00 -15.46 -13.90
C ASN A 13 -18.97 -15.07 -12.85
N LEU A 14 -18.29 -16.07 -12.32
CA LEU A 14 -17.39 -15.83 -11.18
C LEU A 14 -18.17 -15.14 -10.09
N GLU A 15 -17.54 -14.26 -9.33
CA GLU A 15 -18.30 -13.42 -8.39
C GLU A 15 -19.11 -12.41 -9.19
N ARG A 16 -18.47 -11.76 -10.14
CA ARG A 16 -19.02 -10.83 -11.12
C ARG A 16 -18.29 -9.50 -11.19
N GLU A 17 -17.02 -9.47 -10.85
CA GLU A 17 -16.26 -8.24 -10.71
C GLU A 17 -17.09 -7.13 -10.12
N CYS A 18 -16.71 -5.90 -10.40
CA CYS A 18 -17.51 -4.72 -10.05
C CYS A 18 -18.15 -4.14 -11.29
N MET A 19 -19.20 -3.38 -11.12
CA MET A 19 -19.97 -2.87 -12.26
C MET A 19 -19.33 -1.63 -12.81
N GLU A 20 -19.72 -0.49 -12.26
CA GLU A 20 -19.14 0.79 -12.65
C GLU A 20 -17.66 0.82 -12.34
N GLU A 21 -17.06 1.98 -12.55
CA GLU A 21 -15.63 2.19 -12.27
C GLU A 21 -15.30 2.27 -10.79
N LYS A 22 -16.28 2.18 -9.92
CA LYS A 22 -16.07 2.42 -8.48
C LYS A 22 -14.92 1.60 -7.93
N CYS A 23 -14.86 0.34 -8.32
CA CYS A 23 -13.89 -0.59 -7.75
C CYS A 23 -12.67 -0.77 -8.62
N SER A 24 -12.83 -1.52 -9.70
CA SER A 24 -11.70 -1.88 -10.55
C SER A 24 -10.71 -2.73 -9.80
N PHE A 25 -9.58 -3.04 -10.41
CA PHE A 25 -8.61 -3.95 -9.83
C PHE A 25 -7.38 -4.14 -10.69
N GLU A 26 -7.58 -4.25 -11.99
CA GLU A 26 -6.58 -4.61 -12.98
C GLU A 26 -5.15 -4.33 -12.58
N GLU A 27 -4.74 -3.08 -12.61
CA GLU A 27 -3.34 -2.70 -12.43
C GLU A 27 -3.09 -1.76 -11.28
N ALA A 28 -3.93 -1.78 -10.26
CA ALA A 28 -3.69 -1.00 -9.04
C ALA A 28 -2.63 -1.59 -8.11
N ARG A 29 -2.02 -2.67 -8.55
CA ARG A 29 -1.08 -3.45 -7.76
C ARG A 29 0.29 -2.84 -7.82
N GLU A 30 0.62 -2.10 -6.76
CA GLU A 30 1.96 -1.54 -6.59
C GLU A 30 2.34 -0.60 -7.70
N VAL A 31 1.34 -0.10 -8.40
CA VAL A 31 1.50 0.97 -9.39
C VAL A 31 0.48 2.07 -9.19
N PHE A 32 -0.25 1.96 -8.10
CA PHE A 32 -1.36 2.86 -7.82
C PHE A 32 -0.91 3.92 -6.82
N GLU A 33 0.26 4.48 -7.13
CA GLU A 33 0.94 5.43 -6.26
C GLU A 33 1.18 4.91 -4.87
N ASN A 34 0.92 3.64 -4.61
CA ASN A 34 0.94 3.11 -3.25
C ASN A 34 0.43 4.18 -2.30
N THR A 35 -0.81 4.59 -2.56
CA THR A 35 -1.39 5.77 -1.93
C THR A 35 -1.56 5.66 -0.43
N GLU A 36 -1.51 4.47 0.13
CA GLU A 36 -1.70 4.33 1.60
C GLU A 36 -0.57 5.03 2.36
N ARG A 37 0.56 5.10 1.69
CA ARG A 37 1.73 5.84 2.12
C ARG A 37 1.65 7.29 1.68
N THR A 38 1.76 7.49 0.38
CA THR A 38 1.87 8.84 -0.18
C THR A 38 0.57 9.63 -0.11
N THR A 39 0.72 10.90 0.20
CA THR A 39 -0.28 11.96 0.36
C THR A 39 0.14 12.80 1.59
N GLU A 40 0.71 12.07 2.53
CA GLU A 40 1.33 12.60 3.73
C GLU A 40 2.71 13.18 3.46
N PHE A 41 3.65 12.25 3.28
CA PHE A 41 5.08 12.54 3.25
C PHE A 41 5.45 13.72 2.36
N TRP A 42 5.04 13.66 1.12
CA TRP A 42 5.44 14.64 0.11
C TRP A 42 4.70 15.95 0.24
N LYS A 43 3.56 15.94 0.91
CA LYS A 43 2.75 17.14 1.13
C LYS A 43 3.30 18.09 2.17
N GLN A 44 4.58 18.02 2.45
CA GLN A 44 5.26 19.00 3.29
C GLN A 44 6.38 19.69 2.52
N TYR A 45 6.28 19.67 1.20
CA TYR A 45 7.34 20.18 0.34
C TYR A 45 6.85 21.00 -0.82
N VAL A 46 5.67 20.70 -1.35
CA VAL A 46 5.17 21.36 -2.55
C VAL A 46 5.11 22.86 -2.35
N ASP A 47 5.61 23.59 -3.34
CA ASP A 47 5.73 25.04 -3.25
C ASP A 47 5.61 25.69 -4.61
C FMT B . -38.07 -9.60 -10.52
O1 FMT B . -38.08 -10.85 -10.30
O2 FMT B . -38.41 -9.21 -11.68
C FMT C . -32.46 -4.00 -10.06
O1 FMT C . -31.83 -4.03 -8.95
O2 FMT C . -33.48 -3.25 -10.19
C FMT D . -15.21 -13.99 -7.39
O1 FMT D . -13.94 -14.10 -7.36
O2 FMT D . -15.94 -15.03 -7.30
C FMT E . -15.92 -8.19 -14.62
O1 FMT E . -16.47 -8.80 -15.59
O2 FMT E . -15.48 -7.01 -14.79
C FMT F . -21.29 2.45 -9.85
O1 FMT F . -21.35 3.09 -8.76
O2 FMT F . -22.34 2.25 -10.53
C FMT G . -15.59 4.97 -15.02
O1 FMT G . -16.15 5.15 -16.14
O2 FMT G . -15.26 5.98 -14.30
C FMT H . -8.61 -3.29 -16.15
O1 FMT H . -8.72 -2.03 -16.30
O2 FMT H . -8.67 -4.06 -17.15
C FMT I . -2.71 -2.02 -16.31
O1 FMT I . -3.58 -1.25 -16.81
O2 FMT I . -1.55 -2.10 -16.82
C FMT J . 3.63 -5.02 -5.58
O1 FMT J . 3.46 -6.11 -6.23
O2 FMT J . 4.69 -4.84 -4.91
C FMT K . -0.75 8.88 -7.32
O1 FMT K . -0.31 9.99 -6.89
O2 FMT K . -1.98 8.76 -7.62
C FMT L . -1.57 1.13 0.10
O1 FMT L . -0.81 0.28 0.64
O2 FMT L . -1.50 1.34 -1.15
C FMT M . 0.80 10.73 7.10
O1 FMT M . 0.24 9.80 7.76
O2 FMT M . 1.72 11.43 7.63
N TYR A 1 -10.25 -15.72 39.28
CA TYR A 1 -10.80 -17.07 39.30
C TYR A 1 -11.11 -17.56 37.91
N ASN A 2 -11.54 -16.65 37.05
CA ASN A 2 -11.76 -16.95 35.64
C ASN A 2 -12.84 -18.00 35.43
N SER A 3 -14.03 -17.55 35.13
CA SER A 3 -15.15 -18.42 34.75
C SER A 3 -15.78 -19.11 35.93
N GLY A 4 -17.06 -18.90 36.10
CA GLY A 4 -17.90 -19.61 37.08
C GLY A 4 -19.33 -19.64 36.59
N LYS A 5 -20.17 -18.81 37.20
CA LYS A 5 -21.52 -18.58 36.69
C LYS A 5 -21.44 -18.04 35.28
N LEU A 6 -20.39 -17.28 35.01
CA LEU A 6 -20.03 -16.80 33.68
C LEU A 6 -19.30 -17.89 32.92
N GLU A 7 -20.04 -18.93 32.55
CA GLU A 7 -19.50 -20.15 31.97
C GLU A 7 -19.22 -20.01 30.49
N GLU A 8 -18.21 -20.69 29.99
CA GLU A 8 -17.76 -20.53 28.61
C GLU A 8 -17.71 -19.05 28.27
N PHE A 9 -17.02 -18.31 29.11
CA PHE A 9 -17.04 -16.84 29.11
C PHE A 9 -16.93 -16.18 27.75
N VAL A 10 -17.70 -15.12 27.61
CA VAL A 10 -17.70 -14.31 26.40
C VAL A 10 -16.36 -14.26 25.71
N GLN A 11 -16.36 -14.84 24.54
CA GLN A 11 -15.19 -15.28 23.79
C GLN A 11 -14.61 -14.18 22.95
N GLY A 12 -13.33 -14.31 22.63
CA GLY A 12 -12.58 -13.26 21.96
C GLY A 12 -13.27 -12.71 20.73
N ASN A 13 -13.08 -11.42 20.50
CA ASN A 13 -13.57 -10.78 19.27
C ASN A 13 -12.47 -10.51 18.27
N LEU A 14 -11.26 -10.91 18.60
CA LEU A 14 -10.13 -10.70 17.69
C LEU A 14 -9.09 -11.79 17.84
N GLU A 15 -9.53 -12.97 18.21
CA GLU A 15 -8.68 -14.16 18.23
C GLU A 15 -9.32 -15.28 17.43
N ARG A 16 -10.15 -14.89 16.47
CA ARG A 16 -10.92 -15.83 15.65
C ARG A 16 -10.83 -15.51 14.18
N GLU A 17 -9.87 -14.71 13.79
CA GLU A 17 -9.55 -14.45 12.38
C GLU A 17 -9.09 -15.74 11.73
N CYS A 18 -7.86 -15.74 11.26
CA CYS A 18 -7.24 -16.98 10.77
C CYS A 18 -6.80 -17.81 11.96
N MET A 19 -7.01 -19.11 11.87
CA MET A 19 -6.82 -20.00 13.00
C MET A 19 -5.35 -20.14 13.32
N GLU A 20 -4.73 -21.12 12.68
CA GLU A 20 -3.31 -21.38 12.88
C GLU A 20 -2.51 -20.15 12.49
N GLU A 21 -1.23 -20.16 12.80
CA GLU A 21 -0.31 -19.08 12.47
C GLU A 21 0.08 -19.03 11.01
N LYS A 22 -0.63 -19.72 10.14
CA LYS A 22 -0.24 -19.86 8.75
C LYS A 22 -0.73 -18.69 7.91
N CYS A 23 -2.03 -18.50 7.92
CA CYS A 23 -2.65 -17.46 7.09
C CYS A 23 -2.14 -16.09 7.48
N SER A 24 -2.48 -15.65 8.68
CA SER A 24 -1.97 -14.40 9.25
C SER A 24 -2.07 -13.28 8.24
N PHE A 25 -3.26 -12.73 8.08
CA PHE A 25 -3.53 -11.76 7.03
C PHE A 25 -4.05 -10.44 7.54
N GLU A 26 -3.84 -10.14 8.79
CA GLU A 26 -4.43 -8.94 9.41
C GLU A 26 -3.66 -7.69 9.07
N GLU A 27 -2.39 -7.83 8.73
CA GLU A 27 -1.58 -6.72 8.23
C GLU A 27 -0.90 -7.10 6.94
N ALA A 28 -1.70 -7.47 5.96
CA ALA A 28 -1.22 -8.04 4.69
C ALA A 28 -0.52 -7.02 3.82
N ARG A 29 -0.56 -7.20 2.51
CA ARG A 29 0.22 -6.40 1.56
C ARG A 29 -0.19 -4.94 1.48
N GLU A 30 -1.08 -4.48 2.32
CA GLU A 30 -1.37 -3.05 2.42
C GLU A 30 -0.47 -2.33 3.40
N VAL A 31 0.60 -2.99 3.80
CA VAL A 31 1.52 -2.48 4.83
C VAL A 31 2.92 -2.98 4.60
N PHE A 32 3.19 -3.45 3.40
CA PHE A 32 4.45 -4.12 3.10
C PHE A 32 5.55 -3.18 2.68
N GLU A 33 5.19 -1.97 2.33
CA GLU A 33 6.16 -0.92 2.03
C GLU A 33 5.68 0.41 2.57
N ASN A 34 4.92 0.35 3.66
CA ASN A 34 4.25 1.54 4.18
C ASN A 34 3.56 2.25 3.05
N THR A 35 2.95 1.46 2.17
CA THR A 35 2.36 1.95 0.93
C THR A 35 1.27 2.98 1.17
N GLU A 36 0.85 3.17 2.40
CA GLU A 36 -0.08 4.24 2.77
C GLU A 36 0.59 5.57 3.00
N ARG A 37 1.76 5.78 2.46
CA ARG A 37 2.56 6.98 2.72
C ARG A 37 2.14 8.17 1.90
N THR A 38 1.93 7.95 0.62
CA THR A 38 1.71 9.04 -0.33
C THR A 38 0.56 9.91 0.12
N THR A 39 0.38 11.02 -0.58
CA THR A 39 -0.49 12.13 -0.21
C THR A 39 0.20 13.04 0.80
N GLU A 40 0.30 12.52 2.00
CA GLU A 40 0.79 13.26 3.16
C GLU A 40 2.28 13.45 3.15
N PHE A 41 3.00 12.36 2.92
CA PHE A 41 4.46 12.36 3.00
C PHE A 41 5.04 13.49 2.18
N TRP A 42 4.62 13.53 0.93
CA TRP A 42 5.15 14.47 -0.06
C TRP A 42 4.59 15.86 0.12
N LYS A 43 3.52 15.97 0.88
CA LYS A 43 2.96 17.26 1.30
C LYS A 43 3.79 17.97 2.35
N GLN A 44 5.06 17.62 2.46
CA GLN A 44 6.01 18.33 3.32
C GLN A 44 6.95 19.21 2.52
N TYR A 45 6.65 19.38 1.25
CA TYR A 45 7.53 20.08 0.32
C TYR A 45 6.73 20.90 -0.67
N VAL A 46 5.80 20.25 -1.37
CA VAL A 46 4.89 20.99 -2.26
C VAL A 46 3.94 21.83 -1.44
N ASP A 47 4.05 23.14 -1.59
CA ASP A 47 3.28 24.08 -0.78
C ASP A 47 2.91 25.30 -1.58
C FMT B . -21.93 -22.78 30.68
O1 FMT B . -22.38 -22.93 29.50
O2 FMT B . -21.63 -23.80 31.37
C FMT C . -20.25 -23.36 27.69
O1 FMT C . -20.59 -24.51 28.11
O2 FMT C . -21.09 -22.63 27.08
C FMT D . -10.06 -16.49 20.25
O1 FMT D . -11.18 -16.76 19.72
O2 FMT D . -9.26 -17.43 20.54
C FMT E . -7.78 -10.92 12.97
O1 FMT E . -7.50 -10.34 11.88
O2 FMT E . -7.12 -10.66 14.02
C FMT F . -3.20 -25.13 11.62
O1 FMT F . -3.59 -26.31 11.88
O2 FMT F . -2.62 -24.90 10.51
C FMT G . 1.34 -20.42 15.56
O1 FMT G . 2.54 -20.45 15.98
O2 FMT G . 0.58 -21.43 15.74
C FMT H . -3.38 -7.90 12.88
O1 FMT H . -3.96 -8.22 13.97
O2 FMT H . -2.95 -6.71 12.72
C FMT I . 1.96 -6.80 9.10
O1 FMT I . 2.77 -7.59 8.51
O2 FMT I . 2.29 -5.58 9.28
C FMT J . -3.82 -5.00 3.81
O1 FMT J . -4.46 -6.10 3.76
O2 FMT J . -3.21 -4.67 4.87
C FMT K . 4.94 -1.62 -1.44
O1 FMT K . 4.07 -2.46 -1.86
O2 FMT K . 4.98 -0.46 -1.92
C FMT L . -0.70 4.67 6.47
O1 FMT L . -0.24 5.81 6.80
O2 FMT L . -1.73 4.21 7.05
C FMT M . 1.37 14.09 6.12
O1 FMT M . 2.50 14.66 6.03
O2 FMT M . 0.36 14.74 6.54
N TYR A 1 19.43 -17.33 -8.75
CA TYR A 1 18.38 -18.04 -9.47
C TYR A 1 18.48 -17.82 -10.96
N ASN A 2 18.13 -16.63 -11.40
CA ASN A 2 18.10 -16.24 -12.81
C ASN A 2 16.78 -16.55 -13.46
N SER A 3 16.03 -17.49 -12.91
CA SER A 3 14.67 -17.79 -13.36
C SER A 3 14.65 -18.13 -14.83
N GLY A 4 13.46 -18.28 -15.38
CA GLY A 4 13.27 -18.74 -16.77
C GLY A 4 12.07 -19.67 -16.83
N LYS A 5 10.97 -19.18 -17.38
CA LYS A 5 9.65 -19.78 -17.33
C LYS A 5 8.98 -19.28 -16.06
N LEU A 6 9.71 -19.35 -14.97
CA LEU A 6 9.43 -18.67 -13.71
C LEU A 6 9.93 -17.26 -13.78
N GLU A 7 9.60 -16.56 -14.87
CA GLU A 7 10.12 -15.21 -15.11
C GLU A 7 9.47 -14.24 -14.17
N GLU A 8 10.25 -13.77 -13.21
CA GLU A 8 9.74 -12.94 -12.11
C GLU A 8 8.94 -13.73 -11.10
N PHE A 9 8.78 -15.02 -11.29
CA PHE A 9 8.14 -15.87 -10.29
C PHE A 9 8.87 -17.18 -10.02
N VAL A 10 8.38 -17.89 -9.03
CA VAL A 10 8.77 -19.27 -8.72
C VAL A 10 7.87 -19.85 -7.65
N GLN A 11 7.80 -19.13 -6.54
CA GLN A 11 6.88 -19.46 -5.45
C GLN A 11 5.49 -18.91 -5.72
N GLY A 12 4.54 -19.79 -5.93
CA GLY A 12 3.14 -19.38 -6.09
C GLY A 12 2.58 -19.82 -7.42
N ASN A 13 1.52 -20.60 -7.37
CA ASN A 13 0.80 -21.02 -8.57
C ASN A 13 -0.67 -20.71 -8.45
N LEU A 14 -1.23 -20.98 -7.29
CA LEU A 14 -2.67 -20.84 -7.08
C LEU A 14 -3.02 -20.29 -5.72
N GLU A 15 -2.04 -19.82 -4.97
CA GLU A 15 -2.28 -19.16 -3.70
C GLU A 15 -2.06 -17.68 -3.78
N ARG A 16 -2.26 -17.12 -4.97
CA ARG A 16 -1.97 -15.71 -5.24
C ARG A 16 -3.15 -15.00 -5.87
N GLU A 17 -4.33 -15.57 -5.74
CA GLU A 17 -5.51 -15.03 -6.42
C GLU A 17 -5.22 -14.79 -7.88
N CYS A 18 -5.85 -13.78 -8.46
CA CYS A 18 -5.54 -13.37 -9.83
C CYS A 18 -4.31 -12.50 -9.85
N MET A 19 -3.74 -12.32 -11.02
CA MET A 19 -2.47 -11.60 -11.16
C MET A 19 -2.71 -10.11 -11.13
N GLU A 20 -3.02 -9.56 -12.30
CA GLU A 20 -3.38 -8.15 -12.41
C GLU A 20 -4.61 -7.85 -11.59
N GLU A 21 -5.09 -6.62 -11.68
CA GLU A 21 -6.30 -6.17 -10.99
C GLU A 21 -7.59 -6.70 -11.56
N LYS A 22 -7.54 -7.62 -12.51
CA LYS A 22 -8.74 -8.08 -13.22
C LYS A 22 -9.61 -8.94 -12.34
N CYS A 23 -8.97 -9.79 -11.55
CA CYS A 23 -9.68 -10.62 -10.58
C CYS A 23 -9.01 -10.65 -9.24
N SER A 24 -8.29 -9.59 -8.91
CA SER A 24 -7.69 -9.44 -7.58
C SER A 24 -8.39 -8.34 -6.82
N PHE A 25 -9.68 -8.54 -6.57
CA PHE A 25 -10.49 -7.48 -5.98
C PHE A 25 -10.44 -7.52 -4.47
N GLU A 26 -11.27 -8.30 -3.80
CA GLU A 26 -11.53 -8.23 -2.37
C GLU A 26 -11.52 -6.80 -1.84
N GLU A 27 -12.26 -5.93 -2.51
CA GLU A 27 -12.51 -4.55 -2.08
C GLU A 27 -11.29 -3.64 -2.08
N ALA A 28 -10.19 -4.13 -2.61
CA ALA A 28 -8.97 -3.37 -2.83
C ALA A 28 -9.09 -2.48 -4.04
N ARG A 29 -9.72 -1.33 -3.89
CA ARG A 29 -9.95 -0.43 -5.02
C ARG A 29 -8.63 0.06 -5.57
N GLU A 30 -8.10 1.11 -4.97
CA GLU A 30 -6.78 1.63 -5.31
C GLU A 30 -6.13 2.22 -4.06
N VAL A 31 -6.43 1.60 -2.94
CA VAL A 31 -6.03 2.10 -1.62
C VAL A 31 -5.61 0.97 -0.72
N PHE A 32 -5.22 -0.14 -1.32
CA PHE A 32 -4.96 -1.38 -0.59
C PHE A 32 -3.58 -1.92 -0.88
N GLU A 33 -2.59 -1.06 -0.76
CA GLU A 33 -1.20 -1.45 -0.90
C GLU A 33 -0.28 -0.29 -0.60
N ASN A 34 -0.70 0.89 -0.99
CA ASN A 34 0.02 2.14 -0.69
C ASN A 34 -0.91 3.16 -0.09
N THR A 35 -1.42 2.87 1.09
CA THR A 35 -2.44 3.70 1.72
C THR A 35 -1.88 4.94 2.38
N GLU A 36 -1.34 4.82 3.57
CA GLU A 36 -0.96 6.00 4.36
C GLU A 36 0.38 6.61 4.00
N ARG A 37 1.03 6.06 3.00
CA ARG A 37 2.38 6.46 2.66
C ARG A 37 2.39 7.71 1.79
N THR A 38 1.76 7.62 0.63
CA THR A 38 1.64 8.77 -0.27
C THR A 38 0.78 9.84 0.37
N THR A 39 0.13 10.66 -0.42
CA THR A 39 -0.60 11.85 0.00
C THR A 39 0.19 12.77 0.93
N GLU A 40 0.16 12.39 2.19
CA GLU A 40 0.92 13.09 3.23
C GLU A 40 2.40 13.26 2.96
N PHE A 41 3.03 12.18 2.52
CA PHE A 41 4.49 12.13 2.41
C PHE A 41 5.04 13.37 1.74
N TRP A 42 4.47 13.70 0.59
CA TRP A 42 4.95 14.79 -0.25
C TRP A 42 4.40 16.13 0.18
N LYS A 43 3.31 16.11 0.93
CA LYS A 43 2.66 17.32 1.41
C LYS A 43 3.38 18.07 2.52
N GLN A 44 4.66 17.82 2.68
CA GLN A 44 5.52 18.62 3.54
C GLN A 44 6.56 19.37 2.74
N TYR A 45 6.37 19.42 1.43
CA TYR A 45 7.34 19.99 0.50
C TYR A 45 6.65 20.60 -0.69
N VAL A 46 5.35 20.88 -0.57
CA VAL A 46 4.57 21.30 -1.73
C VAL A 46 5.01 22.68 -2.19
N ASP A 47 4.86 22.94 -3.46
CA ASP A 47 5.34 24.19 -4.06
C ASP A 47 4.45 24.62 -5.20
C FMT B . 10.46 -15.18 -19.07
O1 FMT B . 9.77 -14.15 -19.38
O2 FMT B . 10.77 -16.02 -19.96
C FMT C . 8.03 -11.25 -15.06
O1 FMT C . 8.08 -11.78 -16.22
O2 FMT C . 6.97 -10.70 -14.67
C FMT D . 1.03 -18.96 -2.04
O1 FMT D . 0.50 -17.97 -1.44
O2 FMT D . 2.25 -19.23 -1.85
C FMT E . -5.23 -12.33 -3.68
O1 FMT E . -4.28 -12.27 -2.84
O2 FMT E . -5.75 -11.26 -4.13
C FMT F . -3.06 -9.47 -15.73
O1 FMT F . -3.32 -9.97 -16.86
O2 FMT F . -1.88 -9.51 -15.26
C FMT G . -7.48 -3.58 -13.07
O1 FMT G . -7.67 -3.76 -14.31
O2 FMT G . -8.40 -3.07 -12.35
C FMT H . -9.83 -11.40 -0.67
O1 FMT H . -10.11 -12.43 0.03
O2 FMT H . -8.63 -11.04 -0.83
C FMT I . -13.60 -6.32 1.15
O1 FMT I . -12.40 -6.33 1.54
O2 FMT I . -14.53 -6.70 1.94
C FMT J . -7.60 3.06 -8.86
O1 FMT J . -7.21 3.17 -10.06
O2 FMT J . -8.62 3.70 -8.47
C FMT K . -1.25 -1.02 -4.68
O1 FMT K . -1.78 -0.11 -5.39
O2 FMT K . -0.14 -1.53 -5.02
C FMT L . 1.39 4.92 6.68
O1 FMT L . 2.44 4.26 6.37
O2 FMT L . 1.49 5.99 7.34
C FMT M . -0.62 11.48 6.53
O1 FMT M . -0.61 12.27 7.53
O2 FMT M . -0.63 10.23 6.73
N TYR A 1 -35.94 -0.56 6.15
CA TYR A 1 -36.73 0.66 6.29
C TYR A 1 -36.65 1.53 5.06
N ASN A 2 -36.27 0.94 3.94
CA ASN A 2 -36.06 1.69 2.70
C ASN A 2 -35.12 2.85 2.92
N SER A 3 -33.82 2.59 2.79
CA SER A 3 -32.82 3.63 3.00
C SER A 3 -32.61 4.49 1.80
N GLY A 4 -33.40 4.35 0.74
CA GLY A 4 -33.06 5.01 -0.52
C GLY A 4 -31.62 4.62 -0.86
N LYS A 5 -31.22 3.47 -0.37
CA LYS A 5 -29.78 3.13 -0.36
C LYS A 5 -29.05 4.32 0.19
N LEU A 6 -28.83 4.40 1.49
CA LEU A 6 -28.43 5.64 2.15
C LEU A 6 -27.21 6.22 1.45
N GLU A 7 -27.41 7.39 0.86
CA GLU A 7 -26.51 7.99 -0.12
C GLU A 7 -25.23 8.38 0.59
N GLU A 8 -24.11 7.88 0.10
CA GLU A 8 -22.86 7.91 0.87
C GLU A 8 -23.11 7.21 2.19
N PHE A 9 -23.31 5.91 2.11
CA PHE A 9 -23.90 5.09 3.16
C PHE A 9 -23.45 5.35 4.59
N VAL A 10 -24.37 5.00 5.48
CA VAL A 10 -24.24 4.99 6.94
C VAL A 10 -22.81 4.86 7.42
N GLN A 11 -22.06 3.98 6.79
CA GLN A 11 -20.62 3.89 7.04
C GLN A 11 -19.96 5.20 6.67
N GLY A 12 -19.90 6.11 7.62
CA GLY A 12 -19.45 7.47 7.37
C GLY A 12 -18.01 7.71 7.76
N ASN A 13 -17.33 8.53 6.99
CA ASN A 13 -15.90 8.79 7.17
C ASN A 13 -15.55 10.19 6.74
N LEU A 14 -15.23 11.03 7.71
CA LEU A 14 -14.86 12.41 7.45
C LEU A 14 -13.37 12.63 7.62
N GLU A 15 -12.87 12.25 8.77
CA GLU A 15 -11.47 12.48 9.14
C GLU A 15 -10.57 11.31 8.78
N ARG A 16 -10.93 10.58 7.74
CA ARG A 16 -10.11 9.48 7.23
C ARG A 16 -9.61 9.77 5.83
N GLU A 17 -10.31 10.61 5.10
CA GLU A 17 -9.85 11.06 3.78
C GLU A 17 -9.69 12.56 3.76
N CYS A 18 -9.66 13.13 2.57
CA CYS A 18 -9.64 14.57 2.39
C CYS A 18 -11.05 15.13 2.45
N MET A 19 -11.21 16.23 3.16
CA MET A 19 -12.51 16.83 3.36
C MET A 19 -13.00 17.54 2.12
N GLU A 20 -12.50 18.75 1.94
CA GLU A 20 -12.78 19.51 0.73
C GLU A 20 -12.30 18.76 -0.49
N GLU A 21 -12.36 19.41 -1.64
CA GLU A 21 -11.92 18.83 -2.91
C GLU A 21 -10.41 18.71 -3.05
N LYS A 22 -9.66 18.83 -1.99
CA LYS A 22 -8.20 18.76 -2.06
C LYS A 22 -7.75 17.49 -2.76
N CYS A 23 -8.34 16.37 -2.38
CA CYS A 23 -7.91 15.07 -2.90
C CYS A 23 -9.04 14.33 -3.59
N SER A 24 -10.28 14.64 -3.27
CA SER A 24 -11.44 13.92 -3.79
C SER A 24 -11.36 13.78 -5.30
N PHE A 25 -11.09 12.57 -5.76
CA PHE A 25 -10.98 12.26 -7.17
C PHE A 25 -10.15 13.29 -7.92
N GLU A 26 -10.29 13.33 -9.23
CA GLU A 26 -9.45 14.19 -10.07
C GLU A 26 -8.02 13.71 -10.05
N GLU A 27 -7.51 13.37 -11.22
CA GLU A 27 -6.18 12.75 -11.34
C GLU A 27 -6.06 11.58 -10.39
N ALA A 28 -6.81 10.53 -10.68
CA ALA A 28 -6.92 9.38 -9.81
C ALA A 28 -5.60 8.65 -9.52
N ARG A 29 -5.83 7.64 -8.68
CA ARG A 29 -4.76 6.92 -8.03
C ARG A 29 -4.19 5.86 -8.93
N GLU A 30 -2.97 6.05 -9.35
CA GLU A 30 -2.03 4.97 -9.61
C GLU A 30 -1.43 4.70 -8.20
N VAL A 31 -2.34 4.81 -7.21
CA VAL A 31 -2.13 5.05 -5.80
C VAL A 31 -3.19 4.37 -4.96
N PHE A 32 -3.95 3.48 -5.56
CA PHE A 32 -5.15 2.91 -4.94
C PHE A 32 -4.85 1.67 -4.14
N GLU A 33 -3.58 1.43 -3.84
CA GLU A 33 -3.15 0.30 -3.03
C GLU A 33 -2.41 0.78 -1.80
N ASN A 34 -1.48 1.69 -2.03
CA ASN A 34 -0.75 2.35 -0.95
C ASN A 34 -1.13 3.81 -0.90
N THR A 35 -2.30 4.09 -0.35
CA THR A 35 -2.87 5.43 -0.38
C THR A 35 -2.27 6.37 0.64
N GLU A 36 -2.27 5.96 1.90
CA GLU A 36 -1.91 6.89 2.99
C GLU A 36 -0.42 7.11 3.21
N ARG A 37 0.39 6.46 2.40
CA ARG A 37 1.84 6.59 2.53
C ARG A 37 2.34 7.81 1.78
N THR A 38 2.05 7.87 0.50
CA THR A 38 2.32 9.07 -0.30
C THR A 38 1.62 10.26 0.35
N THR A 39 0.50 10.63 -0.21
CA THR A 39 -0.46 11.56 0.37
C THR A 39 0.08 12.63 1.31
N GLU A 40 0.34 12.18 2.53
CA GLU A 40 0.77 13.04 3.62
C GLU A 40 2.22 13.42 3.48
N PHE A 41 3.05 12.39 3.29
CA PHE A 41 4.49 12.57 3.10
C PHE A 41 4.83 13.61 2.06
N TRP A 42 4.34 13.40 0.86
CA TRP A 42 4.74 14.19 -0.30
C TRP A 42 4.24 15.61 -0.25
N LYS A 43 3.11 15.85 0.40
CA LYS A 43 2.60 17.21 0.63
C LYS A 43 3.33 17.98 1.71
N GLN A 44 4.50 17.55 2.10
CA GLN A 44 5.35 18.30 3.02
C GLN A 44 6.51 18.94 2.27
N TYR A 45 6.39 19.04 0.96
CA TYR A 45 7.43 19.56 0.10
C TYR A 45 6.94 20.71 -0.76
N VAL A 46 5.66 20.72 -1.08
CA VAL A 46 5.04 21.84 -1.80
C VAL A 46 4.92 23.02 -0.89
N ASP A 47 5.30 24.19 -1.39
CA ASP A 47 5.30 25.42 -0.59
C ASP A 47 4.49 26.50 -1.27
C FMT B . -25.36 10.85 -0.80
O1 FMT B . -24.58 11.37 0.05
O2 FMT B . -24.93 10.57 -1.97
C FMT C . -21.74 11.61 -0.03
O1 FMT C . -21.34 12.36 -0.98
O2 FMT C . -21.96 12.10 1.13
C FMT D . -11.17 11.41 12.81
O1 FMT D . -10.64 12.35 13.48
O2 FMT D . -10.97 10.20 13.15
C FMT E . -13.32 9.99 2.35
O1 FMT E . -14.45 10.04 2.92
O2 FMT E . -13.24 10.19 1.09
C FMT F . -11.80 22.61 2.72
O1 FMT F . -11.81 22.36 3.97
O2 FMT F . -10.95 23.43 2.25
C FMT G . -12.11 21.75 -5.60
O1 FMT G . -13.28 21.94 -6.06
O2 FMT G . -11.10 22.02 -6.31
C FMT H . -11.05 17.22 -8.28
O1 FMT H . -11.80 18.25 -8.31
O2 FMT H . -10.40 16.94 -7.24
C FMT I . -5.03 16.39 -10.85
O1 FMT I . -4.41 16.21 -9.76
O2 FMT I . -5.40 17.56 -11.18
C FMT J . 0.51 3.34 -10.33
O1 FMT J . -0.29 2.61 -11.00
O2 FMT J . 1.33 2.81 -9.53
C FMT K . 0.12 0.23 -4.32
O1 FMT K . 0.83 1.21 -4.69
O2 FMT K . 0.57 -0.62 -3.49
C FMT L . -4.12 4.36 4.60
O1 FMT L . -3.82 3.99 5.78
O2 FMT L . -4.51 3.50 3.75
C FMT M . 1.73 14.12 6.25
O1 FMT M . 0.82 14.95 5.94
O2 FMT M . 2.86 14.54 6.64
N TYR A 1 -30.19 17.32 -3.58
CA TYR A 1 -30.56 15.95 -3.96
C TYR A 1 -31.04 15.15 -2.77
N ASN A 2 -30.65 15.56 -1.58
CA ASN A 2 -31.13 14.98 -0.33
C ASN A 2 -30.44 13.68 -0.01
N SER A 3 -29.14 13.75 0.15
CA SER A 3 -28.34 12.62 0.60
C SER A 3 -28.18 12.64 2.10
N GLY A 4 -28.12 13.81 2.69
CA GLY A 4 -27.69 13.90 4.11
C GLY A 4 -26.25 13.32 4.06
N LYS A 5 -25.51 13.92 3.13
CA LYS A 5 -24.27 13.33 2.65
C LYS A 5 -24.68 12.04 1.92
N LEU A 6 -24.11 11.80 0.75
CA LEU A 6 -24.28 10.52 0.05
C LEU A 6 -23.43 9.48 0.77
N GLU A 7 -23.79 9.26 2.03
CA GLU A 7 -23.00 8.54 3.03
C GLU A 7 -23.17 7.05 2.83
N GLU A 8 -24.24 6.68 2.17
CA GLU A 8 -24.54 5.31 1.72
C GLU A 8 -25.13 5.39 0.32
N PHE A 9 -26.07 6.32 0.17
CA PHE A 9 -26.60 6.66 -1.14
C PHE A 9 -25.47 7.12 -2.04
N VAL A 10 -25.40 6.51 -3.21
CA VAL A 10 -24.54 6.99 -4.29
C VAL A 10 -24.90 6.35 -5.62
N GLN A 11 -24.95 5.03 -5.62
CA GLN A 11 -25.11 4.26 -6.85
C GLN A 11 -26.42 4.51 -7.54
N GLY A 12 -27.41 3.67 -7.30
CA GLY A 12 -28.68 3.71 -8.01
C GLY A 12 -28.81 2.49 -8.90
N ASN A 13 -28.31 2.58 -10.12
CA ASN A 13 -28.27 1.45 -11.02
C ASN A 13 -27.49 1.75 -12.28
N LEU A 14 -26.26 2.24 -12.10
CA LEU A 14 -25.37 2.45 -13.24
C LEU A 14 -23.90 2.20 -12.95
N GLU A 15 -23.55 1.88 -11.72
CA GLU A 15 -22.15 1.73 -11.32
C GLU A 15 -21.98 0.78 -10.17
N ARG A 16 -22.45 -0.45 -10.34
CA ARG A 16 -22.47 -1.42 -9.24
C ARG A 16 -22.32 -2.84 -9.74
N GLU A 17 -21.16 -3.14 -10.31
CA GLU A 17 -20.85 -4.51 -10.72
C GLU A 17 -20.63 -5.48 -9.58
N CYS A 18 -20.70 -4.97 -8.36
CA CYS A 18 -20.65 -5.77 -7.16
C CYS A 18 -21.32 -5.03 -6.02
N MET A 19 -21.89 -5.74 -5.08
CA MET A 19 -22.67 -5.11 -4.00
C MET A 19 -21.74 -4.45 -3.00
N GLU A 20 -21.25 -5.26 -2.08
CA GLU A 20 -20.26 -4.80 -1.11
C GLU A 20 -19.00 -4.35 -1.82
N GLU A 21 -17.97 -4.06 -1.03
CA GLU A 21 -16.65 -3.72 -1.56
C GLU A 21 -15.88 -4.88 -2.14
N LYS A 22 -16.46 -6.07 -2.18
CA LYS A 22 -15.73 -7.28 -2.57
C LYS A 22 -14.94 -7.09 -3.85
N CYS A 23 -15.61 -6.68 -4.90
CA CYS A 23 -14.96 -6.54 -6.22
C CYS A 23 -14.52 -5.11 -6.42
N SER A 24 -15.46 -4.24 -6.77
CA SER A 24 -15.19 -2.81 -6.88
C SER A 24 -14.24 -2.46 -8.01
N PHE A 25 -14.50 -1.33 -8.64
CA PHE A 25 -13.61 -0.77 -9.65
C PHE A 25 -14.25 0.41 -10.36
N GLU A 26 -13.43 1.21 -10.99
CA GLU A 26 -13.92 2.33 -11.81
C GLU A 26 -12.77 3.17 -12.31
N GLU A 27 -12.14 3.88 -11.39
CA GLU A 27 -11.02 4.77 -11.70
C GLU A 27 -9.89 4.61 -10.71
N ALA A 28 -9.57 3.38 -10.38
CA ALA A 28 -8.44 3.07 -9.51
C ALA A 28 -7.12 3.26 -10.22
N ARG A 29 -6.62 4.47 -10.21
CA ARG A 29 -5.40 4.83 -10.94
C ARG A 29 -4.18 4.39 -10.16
N GLU A 30 -3.19 5.25 -9.99
CA GLU A 30 -1.95 4.91 -9.29
C GLU A 30 -2.02 5.23 -7.82
N VAL A 31 -3.21 5.34 -7.28
CA VAL A 31 -3.43 5.49 -5.85
C VAL A 31 -3.99 4.22 -5.26
N PHE A 32 -3.69 3.11 -5.91
CA PHE A 32 -4.30 1.82 -5.59
C PHE A 32 -3.30 0.78 -5.16
N GLU A 33 -2.05 0.94 -5.57
CA GLU A 33 -0.98 0.05 -5.15
C GLU A 33 -0.34 0.51 -3.86
N ASN A 34 -0.07 1.81 -3.77
CA ASN A 34 0.65 2.39 -2.64
C ASN A 34 -0.06 3.62 -2.14
N THR A 35 -1.23 3.41 -1.55
CA THR A 35 -2.12 4.51 -1.17
C THR A 35 -1.73 5.18 0.12
N GLU A 36 -1.67 4.42 1.20
CA GLU A 36 -1.45 5.03 2.53
C GLU A 36 -0.02 5.48 2.78
N ARG A 37 0.82 5.33 1.79
CA ARG A 37 2.19 5.83 1.84
C ARG A 37 2.22 7.29 1.42
N THR A 38 1.88 7.52 0.16
CA THR A 38 1.84 8.87 -0.39
C THR A 38 0.71 9.68 0.21
N THR A 39 0.51 10.87 -0.32
CA THR A 39 -0.42 11.88 0.19
C THR A 39 0.16 12.71 1.34
N GLU A 40 0.41 12.00 2.41
CA GLU A 40 1.06 12.53 3.61
C GLU A 40 2.41 13.20 3.31
N PHE A 41 3.37 12.32 2.99
CA PHE A 41 4.77 12.68 2.92
C PHE A 41 5.04 13.95 2.14
N TRP A 42 4.63 13.97 0.89
CA TRP A 42 4.95 15.05 -0.03
C TRP A 42 4.25 16.35 0.31
N LYS A 43 3.26 16.27 1.19
CA LYS A 43 2.55 17.44 1.72
C LYS A 43 3.33 18.25 2.74
N GLN A 44 4.64 18.14 2.72
CA GLN A 44 5.50 19.02 3.50
C GLN A 44 6.63 19.60 2.67
N TYR A 45 6.50 19.50 1.37
CA TYR A 45 7.52 20.00 0.44
C TYR A 45 6.92 20.48 -0.87
N VAL A 46 5.60 20.64 -0.93
CA VAL A 46 4.97 20.95 -2.22
C VAL A 46 5.35 22.34 -2.65
N ASP A 47 6.06 22.41 -3.76
CA ASP A 47 6.55 23.69 -4.30
C ASP A 47 5.83 24.04 -5.58
C FMT B . -23.52 7.01 6.00
O1 FMT B . -24.12 6.12 6.69
O2 FMT B . -22.26 6.93 5.83
C FMT C . -26.72 5.52 4.78
O1 FMT C . -27.83 5.17 4.27
O2 FMT C . -26.71 6.31 5.78
C FMT D . -21.65 4.15 -8.58
O1 FMT D . -20.49 4.67 -8.67
O2 FMT D . -22.12 3.84 -7.44
C FMT E . -18.55 -4.12 -13.94
O1 FMT E . -18.31 -4.87 -14.94
O2 FMT E . -17.70 -3.23 -13.60
C FMT F . -18.44 -8.01 0.04
O1 FMT F . -17.60 -7.32 0.69
O2 FMT F . -18.36 -9.28 0.04
C FMT G . -15.37 -0.83 0.70
O1 FMT G . -14.64 -0.32 -0.20
O2 FMT G . -15.23 -0.48 1.92
C FMT H . -14.31 4.68 -8.98
O1 FMT H . -14.98 5.66 -9.42
O2 FMT H . -13.36 4.88 -8.15
C FMT I . -13.60 7.73 -11.89
O1 FMT I . -14.78 7.61 -11.44
O2 FMT I . -13.02 8.86 -11.87
C FMT J . -1.11 6.26 -12.42
O1 FMT J . -1.87 5.84 -13.36
O2 FMT J . -0.90 7.51 -12.29
C FMT K . 0.71 -0.73 -8.65
O1 FMT K . 0.63 -1.45 -9.69
O2 FMT K . 1.67 0.10 -8.54
C FMT L . -2.28 1.54 3.90
O1 FMT L . -2.55 0.45 3.31
O2 FMT L . -1.54 1.55 4.93
C FMT M . 0.72 11.39 7.05
O1 FMT M . -0.09 11.27 8.01
O2 FMT M . 1.84 11.96 7.24
#